data_7EX7
#
_entry.id   7EX7
#
_cell.length_a   70.272
_cell.length_b   41.676
_cell.length_c   145.305
_cell.angle_alpha   90.000
_cell.angle_beta   102.030
_cell.angle_gamma   90.000
#
_symmetry.space_group_name_H-M   'P 1 21 1'
#
loop_
_entity.id
_entity.type
_entity.pdbx_description
1 polymer Replicase
2 non-polymer 'MANGANESE (II) ION'
3 non-polymer 'methyl (Z)-4-(4-(4-chlorobenzyl)-1-(3-methoxybenzyl)piperidin-4-yl)-2-hydroxy-4-oxobut-2-enoate'
4 non-polymer 'CHLORIDE ION'
5 water water
#
_entity_poly.entity_id   1
_entity_poly.type   'polypeptide(L)'
_entity_poly.pdbx_seq_one_letter_code
;MGSSHHHHHHSSGLVPRGSHMASMTGGQQMGRGSEFMEDPMYEQFLQRIQAVRTATVAKDISADILEARHDYFGRELCRA
LDIEYRNNVLLDEIILDVYPGVNLMEYNVPHVTPDNYIWTGDMLLILDYKVSVGHDSTEVTYKKYTTLILPVMQEIGINT
EICIIRANPVTNQISIVGEQFKRLFPTIPVELNFARFFELRKMLLDKFADDEEFLMMIA
;
_entity_poly.pdbx_strand_id   A,B,C,D
#
# COMPACT_ATOMS: atom_id res chain seq x y z
N ASP A 39 28.11 13.79 17.55
CA ASP A 39 26.84 13.76 18.27
C ASP A 39 26.07 15.07 18.10
N PRO A 40 25.54 15.30 16.89
CA PRO A 40 25.05 16.66 16.54
C PRO A 40 23.85 17.14 17.34
N MET A 41 23.08 16.25 17.98
CA MET A 41 21.94 16.71 18.75
C MET A 41 22.37 17.51 19.97
N TYR A 42 23.43 17.05 20.65
CA TYR A 42 23.90 17.71 21.86
C TYR A 42 24.52 19.06 21.55
N GLU A 43 25.27 19.15 20.45
CA GLU A 43 25.94 20.41 20.12
C GLU A 43 24.96 21.49 19.71
N GLN A 44 23.85 21.11 19.06
CA GLN A 44 22.85 22.10 18.71
C GLN A 44 22.26 22.74 19.96
N PHE A 45 22.01 21.94 21.00
CA PHE A 45 21.51 22.48 22.26
C PHE A 45 22.57 23.30 22.97
N LEU A 46 23.82 22.83 22.98
CA LEU A 46 24.91 23.62 23.53
C LEU A 46 24.97 25.00 22.88
N GLN A 47 24.95 25.04 21.53
CA GLN A 47 24.98 26.32 20.84
C GLN A 47 23.80 27.20 21.22
N ARG A 48 22.63 26.59 21.39
CA ARG A 48 21.46 27.37 21.79
C ARG A 48 21.60 27.91 23.21
N ILE A 49 22.17 27.12 24.12
CA ILE A 49 22.36 27.58 25.49
C ILE A 49 23.49 28.60 25.55
N GLN A 50 24.53 28.41 24.73
CA GLN A 50 25.59 29.41 24.60
C GLN A 50 25.04 30.77 24.23
N ALA A 51 24.06 30.82 23.31
CA ALA A 51 23.57 32.07 22.75
C ALA A 51 22.39 32.68 23.51
N VAL A 52 21.56 31.86 24.15
CA VAL A 52 20.33 32.39 24.75
C VAL A 52 20.66 33.48 25.78
N ARG A 53 19.80 34.51 25.80
CA ARG A 53 19.97 35.64 26.71
C ARG A 53 18.66 36.10 27.35
N THR A 54 17.54 35.40 27.12
CA THR A 54 16.24 35.81 27.65
C THR A 54 15.48 34.59 28.16
N ALA A 55 14.74 34.78 29.26
CA ALA A 55 13.95 33.69 29.81
C ALA A 55 13.03 33.05 28.75
N THR A 56 12.43 33.87 27.88
CA THR A 56 11.47 33.36 26.91
C THR A 56 12.09 32.31 26.00
N VAL A 57 13.20 32.64 25.34
CA VAL A 57 13.94 31.64 24.56
C VAL A 57 14.42 30.49 25.45
N ALA A 58 14.80 30.79 26.70
CA ALA A 58 15.29 29.74 27.60
C ALA A 58 14.20 28.72 27.90
N LYS A 59 13.00 29.18 28.24
CA LYS A 59 11.88 28.26 28.42
C LYS A 59 11.67 27.38 27.19
N ASP A 60 11.86 27.95 26.01
CA ASP A 60 11.75 27.17 24.78
C ASP A 60 12.82 26.10 24.70
N ILE A 61 14.07 26.42 25.06
CA ILE A 61 15.15 25.45 24.95
C ILE A 61 14.88 24.31 25.91
N SER A 62 14.40 24.63 27.11
CA SER A 62 14.13 23.61 28.11
C SER A 62 13.09 22.61 27.60
N ALA A 63 11.96 23.13 27.09
CA ALA A 63 10.93 22.27 26.54
C ALA A 63 11.49 21.41 25.42
N ASP A 64 12.38 21.98 24.59
CA ASP A 64 12.93 21.21 23.48
C ASP A 64 13.80 20.06 23.98
N ILE A 65 14.59 20.31 25.03
CA ILE A 65 15.45 19.26 25.56
C ILE A 65 14.62 18.11 26.08
N LEU A 66 13.51 18.41 26.75
CA LEU A 66 12.65 17.36 27.27
C LEU A 66 12.01 16.56 26.16
N GLU A 67 11.54 17.22 25.10
CA GLU A 67 11.03 16.48 23.95
C GLU A 67 12.13 15.66 23.30
N ALA A 68 13.34 16.22 23.19
CA ALA A 68 14.44 15.49 22.57
C ALA A 68 14.81 14.25 23.38
N ARG A 69 14.74 14.37 24.71
CA ARG A 69 15.01 13.27 25.62
C ARG A 69 13.99 12.16 25.45
N HIS A 70 12.73 12.54 25.27
CA HIS A 70 11.70 11.57 24.93
C HIS A 70 11.97 10.93 23.57
N ASP A 71 12.37 11.75 22.57
CA ASP A 71 12.58 11.21 21.22
C ASP A 71 13.74 10.22 21.20
N TYR A 72 14.80 10.53 21.95
CA TYR A 72 15.93 9.63 22.06
C TYR A 72 15.54 8.31 22.69
N PHE A 73 14.69 8.33 23.70
CA PHE A 73 14.22 7.07 24.27
C PHE A 73 13.43 6.29 23.23
N GLY A 74 12.50 6.94 22.55
CA GLY A 74 11.72 6.25 21.53
C GLY A 74 12.62 5.59 20.51
N ARG A 75 13.64 6.33 20.06
CA ARG A 75 14.57 5.84 19.04
C ARG A 75 15.36 4.64 19.56
N GLU A 76 15.95 4.76 20.77
CA GLU A 76 16.77 3.69 21.33
C GLU A 76 15.94 2.46 21.60
N LEU A 77 14.71 2.66 22.08
CA LEU A 77 13.82 1.56 22.42
C LEU A 77 13.44 0.76 21.18
N CYS A 78 13.00 1.46 20.13
CA CYS A 78 12.68 0.78 18.88
C CYS A 78 13.91 0.09 18.30
N ARG A 79 15.08 0.72 18.38
CA ARG A 79 16.27 0.08 17.83
C ARG A 79 16.57 -1.24 18.55
N ALA A 80 16.50 -1.23 19.89
CA ALA A 80 16.80 -2.44 20.65
C ALA A 80 15.75 -3.52 20.43
N LEU A 81 14.48 -3.14 20.37
CA LEU A 81 13.37 -4.06 20.16
C LEU A 81 13.18 -4.44 18.69
N ASP A 82 13.99 -3.87 17.79
CA ASP A 82 13.95 -4.16 16.36
C ASP A 82 12.54 -4.00 15.80
N ILE A 83 12.02 -2.79 15.96
CA ILE A 83 10.73 -2.43 15.39
C ILE A 83 10.89 -1.08 14.72
N GLU A 84 10.08 -0.85 13.69
CA GLU A 84 10.15 0.38 12.92
C GLU A 84 9.96 1.60 13.81
N TYR A 85 10.86 2.57 13.68
CA TYR A 85 10.78 3.78 14.49
C TYR A 85 9.86 4.77 13.81
N ARG A 86 8.89 5.27 14.56
CA ARG A 86 8.07 6.39 14.16
C ARG A 86 7.89 7.25 15.38
N ASN A 87 7.57 8.53 15.18
CA ASN A 87 7.40 9.42 16.32
C ASN A 87 6.30 10.41 15.96
N ASN A 88 5.06 9.99 16.25
CA ASN A 88 3.79 10.68 16.01
C ASN A 88 3.18 10.28 14.68
N VAL A 89 2.14 9.44 14.71
CA VAL A 89 1.46 9.00 13.50
C VAL A 89 -0.04 9.22 13.68
N LEU A 90 -0.65 10.03 12.80
CA LEU A 90 -2.09 10.17 12.79
C LEU A 90 -2.76 8.79 12.75
N LEU A 91 -3.69 8.57 13.68
CA LEU A 91 -4.50 7.35 13.68
C LEU A 91 -5.03 7.07 12.27
N ASP A 92 -5.37 8.13 11.53
CA ASP A 92 -5.85 7.96 10.17
C ASP A 92 -4.87 7.15 9.33
N GLU A 93 -3.57 7.44 9.45
CA GLU A 93 -2.57 6.73 8.67
C GLU A 93 -2.30 5.34 9.21
N ILE A 94 -2.39 5.15 10.54
CA ILE A 94 -2.33 3.80 11.10
C ILE A 94 -3.46 2.94 10.53
N ILE A 95 -4.70 3.41 10.62
CA ILE A 95 -5.82 2.63 10.08
C ILE A 95 -5.57 2.30 8.62
N LEU A 96 -5.07 3.28 7.85
CA LEU A 96 -4.88 3.05 6.41
C LEU A 96 -3.71 2.13 6.12
N ASP A 97 -2.81 1.92 7.09
CA ASP A 97 -1.71 0.99 6.90
C ASP A 97 -2.19 -0.44 7.14
N VAL A 98 -2.85 -0.67 8.27
CA VAL A 98 -3.23 -2.01 8.68
C VAL A 98 -4.49 -2.51 7.97
N TYR A 99 -5.26 -1.61 7.35
CA TYR A 99 -6.52 -1.98 6.70
C TYR A 99 -6.74 -1.05 5.51
N PRO A 100 -5.97 -1.23 4.44
CA PRO A 100 -6.02 -0.26 3.33
C PRO A 100 -7.40 -0.16 2.67
N GLY A 101 -8.28 -1.13 2.87
CA GLY A 101 -9.61 -1.07 2.30
C GLY A 101 -10.72 -0.56 3.20
N VAL A 102 -10.40 0.04 4.36
CA VAL A 102 -11.45 0.62 5.20
C VAL A 102 -12.26 1.67 4.42
N ASN A 103 -13.57 1.72 4.70
CA ASN A 103 -14.41 2.81 4.17
C ASN A 103 -14.32 3.96 5.17
N LEU A 104 -13.32 4.82 4.97
CA LEU A 104 -12.95 5.84 5.95
C LEU A 104 -14.09 6.82 6.22
N MET A 105 -14.82 7.23 5.18
CA MET A 105 -15.85 8.25 5.38
C MET A 105 -16.96 7.77 6.33
N GLU A 106 -17.08 6.46 6.55
CA GLU A 106 -18.10 5.95 7.46
C GLU A 106 -17.68 6.01 8.93
N TYR A 107 -16.45 6.41 9.23
CA TYR A 107 -16.00 6.41 10.62
C TYR A 107 -15.53 7.81 11.01
N ASN A 108 -15.85 8.20 12.23
CA ASN A 108 -15.40 9.48 12.78
C ASN A 108 -14.14 9.18 13.57
N VAL A 109 -12.99 9.38 12.94
CA VAL A 109 -11.66 9.07 13.47
C VAL A 109 -11.10 10.28 14.20
N PRO A 110 -10.74 10.16 15.49
CA PRO A 110 -10.25 11.31 16.24
C PRO A 110 -8.90 11.80 15.74
N HIS A 111 -8.60 13.04 16.11
CA HIS A 111 -7.38 13.73 15.70
C HIS A 111 -6.31 13.53 16.79
N VAL A 112 -5.63 12.38 16.73
CA VAL A 112 -4.61 12.01 17.71
C VAL A 112 -3.38 11.48 16.97
N THR A 113 -2.21 11.65 17.59
CA THR A 113 -0.94 11.16 17.05
C THR A 113 -0.18 10.36 18.11
N PRO A 114 -0.50 9.08 18.27
CA PRO A 114 0.38 8.24 19.10
C PRO A 114 1.73 8.15 18.44
N ASP A 115 2.74 7.81 19.25
CA ASP A 115 4.12 7.87 18.80
C ASP A 115 4.37 6.85 17.69
N ASN A 116 3.84 5.65 17.81
CA ASN A 116 4.20 4.52 16.98
C ASN A 116 3.13 3.45 17.13
N TYR A 117 3.35 2.31 16.46
CA TYR A 117 2.41 1.21 16.58
C TYR A 117 3.08 -0.06 16.10
N ILE A 118 2.52 -1.18 16.52
CA ILE A 118 2.88 -2.49 16.00
C ILE A 118 1.61 -3.17 15.54
N TRP A 119 1.59 -3.66 14.30
CA TRP A 119 0.57 -4.58 13.82
C TRP A 119 1.15 -5.98 13.88
N THR A 120 0.54 -6.86 14.67
CA THR A 120 1.14 -8.16 14.90
C THR A 120 0.80 -9.16 13.81
N GLY A 121 -0.15 -8.83 12.93
CA GLY A 121 -0.76 -9.81 12.07
C GLY A 121 -2.20 -10.02 12.50
N ASP A 122 -2.43 -10.05 13.82
CA ASP A 122 -3.76 -10.20 14.37
C ASP A 122 -4.21 -9.04 15.27
N MET A 123 -3.28 -8.24 15.79
CA MET A 123 -3.61 -7.17 16.73
C MET A 123 -2.81 -5.93 16.43
N LEU A 124 -3.40 -4.77 16.73
CA LEU A 124 -2.73 -3.47 16.63
C LEU A 124 -2.33 -3.00 18.02
N LEU A 125 -1.05 -2.66 18.20
CA LEU A 125 -0.59 -2.11 19.46
C LEU A 125 -0.28 -0.64 19.25
N ILE A 126 -1.09 0.22 19.86
CA ILE A 126 -0.77 1.64 19.92
C ILE A 126 0.34 1.83 20.96
N LEU A 127 1.38 2.55 20.57
CA LEU A 127 2.59 2.72 21.35
C LEU A 127 2.81 4.20 21.61
N ASP A 128 2.94 4.59 22.87
CA ASP A 128 3.44 5.91 23.20
C ASP A 128 4.63 5.76 24.13
N TYR A 129 5.69 6.52 23.84
CA TYR A 129 6.87 6.63 24.70
C TYR A 129 6.66 7.69 25.78
N LYS A 130 7.25 7.43 26.94
CA LYS A 130 7.21 8.37 28.07
C LYS A 130 8.60 8.38 28.71
N VAL A 131 9.04 9.55 29.17
CA VAL A 131 10.26 9.67 29.97
C VAL A 131 9.98 10.60 31.13
N SER A 132 9.88 10.03 32.34
CA SER A 132 9.43 10.72 33.54
C SER A 132 9.89 9.90 34.73
N VAL A 133 10.12 10.56 35.88
CA VAL A 133 10.39 9.82 37.12
C VAL A 133 9.13 9.27 37.75
N GLY A 134 7.95 9.66 37.28
CA GLY A 134 6.70 9.19 37.86
C GLY A 134 5.74 8.69 36.79
N HIS A 135 4.51 8.34 37.17
CA HIS A 135 3.57 7.74 36.23
C HIS A 135 2.38 8.62 35.90
N ASP A 136 2.31 9.84 36.45
CA ASP A 136 1.11 10.64 36.24
C ASP A 136 0.92 10.98 34.78
N SER A 137 2.01 11.31 34.08
CA SER A 137 1.91 11.61 32.65
C SER A 137 1.53 10.36 31.86
N THR A 138 1.99 9.18 32.29
CA THR A 138 1.64 7.96 31.58
C THR A 138 0.15 7.64 31.70
N GLU A 139 -0.40 7.79 32.89
CA GLU A 139 -1.82 7.54 33.07
C GLU A 139 -2.66 8.54 32.29
N VAL A 140 -2.17 9.77 32.10
CA VAL A 140 -3.01 10.74 31.40
C VAL A 140 -3.15 10.36 29.94
N THR A 141 -2.06 9.91 29.32
CA THR A 141 -2.11 9.48 27.93
C THR A 141 -2.89 8.19 27.78
N TYR A 142 -2.71 7.27 28.74
CA TYR A 142 -3.42 5.99 28.73
C TYR A 142 -4.93 6.19 28.73
N LYS A 143 -5.42 7.04 29.65
CA LYS A 143 -6.84 7.38 29.70
C LYS A 143 -7.32 8.00 28.39
N LYS A 144 -6.54 8.93 27.83
CA LYS A 144 -6.94 9.62 26.60
C LYS A 144 -7.08 8.64 25.44
N TYR A 145 -6.04 7.86 25.20
CA TYR A 145 -6.05 6.97 24.05
C TYR A 145 -7.05 5.82 24.26
N THR A 146 -7.27 5.42 25.50
CA THR A 146 -8.30 4.41 25.78
C THR A 146 -9.68 4.90 25.33
N THR A 147 -10.01 6.15 25.66
CA THR A 147 -11.35 6.65 25.38
C THR A 147 -11.52 7.06 23.91
N LEU A 148 -10.50 7.70 23.31
CA LEU A 148 -10.67 8.21 21.95
C LEU A 148 -10.32 7.19 20.87
N ILE A 149 -9.41 6.26 21.12
CA ILE A 149 -8.99 5.33 20.07
C ILE A 149 -9.81 4.05 20.07
N LEU A 150 -10.05 3.46 21.24
CA LEU A 150 -10.67 2.14 21.27
C LEU A 150 -12.07 2.11 20.66
N PRO A 151 -12.95 3.09 20.88
CA PRO A 151 -14.28 2.99 20.28
C PRO A 151 -14.26 2.97 18.76
N VAL A 152 -13.45 3.80 18.11
CA VAL A 152 -13.45 3.83 16.64
C VAL A 152 -12.89 2.52 16.10
N MET A 153 -11.84 1.99 16.75
CA MET A 153 -11.25 0.74 16.28
C MET A 153 -12.19 -0.44 16.49
N GLN A 154 -13.09 -0.35 17.47
CA GLN A 154 -14.08 -1.39 17.61
C GLN A 154 -15.11 -1.32 16.49
N GLU A 155 -15.61 -0.11 16.20
CA GLU A 155 -16.51 0.08 15.05
C GLU A 155 -15.90 -0.48 13.77
N ILE A 156 -14.61 -0.26 13.55
CA ILE A 156 -14.00 -0.80 12.33
C ILE A 156 -13.72 -2.28 12.47
N GLY A 157 -13.52 -2.79 13.68
CA GLY A 157 -13.22 -4.19 13.87
C GLY A 157 -11.75 -4.54 13.88
N ILE A 158 -10.88 -3.63 14.30
CA ILE A 158 -9.47 -3.94 14.49
C ILE A 158 -9.22 -4.12 15.98
N ASN A 159 -8.70 -5.29 16.36
CA ASN A 159 -8.37 -5.52 17.75
C ASN A 159 -7.17 -4.64 18.12
N THR A 160 -7.31 -3.88 19.18
CA THR A 160 -6.35 -2.84 19.52
C THR A 160 -6.05 -2.86 21.02
N GLU A 161 -4.77 -2.62 21.34
CA GLU A 161 -4.30 -2.45 22.70
C GLU A 161 -3.48 -1.17 22.79
N ILE A 162 -3.76 -0.36 23.80
CA ILE A 162 -2.98 0.84 24.09
C ILE A 162 -1.78 0.43 24.94
N CYS A 163 -0.57 0.69 24.45
CA CYS A 163 0.66 0.35 25.16
C CYS A 163 1.49 1.59 25.41
N ILE A 164 1.93 1.76 26.64
CA ILE A 164 2.73 2.91 27.01
C ILE A 164 4.00 2.42 27.68
N ILE A 165 5.14 2.84 27.13
CA ILE A 165 6.46 2.43 27.59
C ILE A 165 7.15 3.67 28.14
N ARG A 166 7.60 3.59 29.38
CA ARG A 166 8.13 4.75 30.07
C ARG A 166 9.51 4.42 30.60
N ALA A 167 10.46 5.31 30.34
CA ALA A 167 11.78 5.25 30.95
C ALA A 167 11.85 6.24 32.09
N ASN A 168 12.31 5.77 33.24
CA ASN A 168 12.73 6.67 34.31
C ASN A 168 14.10 7.22 33.91
N PRO A 169 14.26 8.54 33.74
CA PRO A 169 15.54 9.06 33.20
C PRO A 169 16.69 9.07 34.22
N VAL A 170 16.41 8.93 35.53
CA VAL A 170 17.44 8.83 36.56
C VAL A 170 17.91 7.39 36.74
N THR A 171 16.99 6.44 36.88
CA THR A 171 17.33 5.03 37.14
C THR A 171 17.39 4.17 35.87
N ASN A 172 16.88 4.67 34.74
CA ASN A 172 16.79 3.93 33.48
C ASN A 172 15.87 2.72 33.56
N GLN A 173 15.09 2.59 34.62
CA GLN A 173 14.09 1.54 34.65
C GLN A 173 13.02 1.80 33.59
N ILE A 174 12.53 0.73 32.98
CA ILE A 174 11.50 0.82 31.95
C ILE A 174 10.24 0.16 32.49
N SER A 175 9.14 0.90 32.47
CA SER A 175 7.83 0.40 32.86
C SER A 175 6.94 0.27 31.63
N ILE A 176 6.09 -0.76 31.60
CA ILE A 176 5.24 -1.05 30.46
C ILE A 176 3.80 -1.16 30.93
N VAL A 177 2.90 -0.55 30.16
CA VAL A 177 1.48 -0.68 30.34
C VAL A 177 0.92 -1.30 29.06
N GLY A 178 0.43 -2.54 29.14
CA GLY A 178 -0.10 -3.21 27.96
C GLY A 178 0.26 -4.69 27.88
N GLU A 179 -0.74 -5.56 28.04
CA GLU A 179 -0.47 -6.99 28.25
C GLU A 179 0.16 -7.62 27.02
N GLN A 180 -0.42 -7.38 25.85
CA GLN A 180 0.07 -8.01 24.63
C GLN A 180 1.48 -7.55 24.31
N PHE A 181 1.78 -6.28 24.56
CA PHE A 181 3.16 -5.81 24.48
C PHE A 181 4.06 -6.60 25.43
N LYS A 182 3.60 -6.78 26.67
CA LYS A 182 4.40 -7.51 27.65
C LYS A 182 4.71 -8.93 27.16
N ARG A 183 3.72 -9.61 26.56
CA ARG A 183 3.95 -10.96 26.07
C ARG A 183 4.88 -11.01 24.86
N LEU A 184 4.90 -9.94 24.04
CA LEU A 184 5.79 -9.93 22.88
C LEU A 184 7.22 -9.57 23.23
N PHE A 185 7.45 -8.83 24.31
CA PHE A 185 8.79 -8.37 24.65
C PHE A 185 8.93 -8.63 26.14
N PRO A 186 9.30 -9.87 26.51
CA PRO A 186 9.40 -10.22 27.93
C PRO A 186 10.61 -9.57 28.55
N THR A 187 11.73 -9.64 27.85
CA THR A 187 12.96 -9.04 28.33
C THR A 187 13.08 -7.70 27.62
N ILE A 188 13.40 -6.66 28.38
CA ILE A 188 13.36 -5.28 27.89
C ILE A 188 14.59 -4.49 28.34
N PRO A 189 15.77 -5.12 28.54
CA PRO A 189 16.88 -4.35 29.09
C PRO A 189 17.50 -3.53 27.97
N VAL A 190 17.01 -2.31 27.85
CA VAL A 190 17.49 -1.37 26.84
C VAL A 190 18.52 -0.47 27.49
N GLU A 191 19.74 -0.48 26.96
CA GLU A 191 20.76 0.43 27.44
C GLU A 191 20.37 1.86 27.10
N LEU A 192 20.38 2.73 28.11
CA LEU A 192 19.99 4.12 27.96
C LEU A 192 20.96 4.97 28.77
N ASN A 193 21.20 6.20 28.31
CA ASN A 193 21.89 7.17 29.14
C ASN A 193 21.33 8.55 28.87
N PHE A 194 20.69 9.13 29.88
CA PHE A 194 20.02 10.41 29.78
C PHE A 194 20.88 11.55 30.30
N ALA A 195 22.10 11.23 30.76
CA ALA A 195 22.95 12.21 31.43
C ALA A 195 23.11 13.47 30.59
N ARG A 196 23.41 13.33 29.29
CA ARG A 196 23.64 14.54 28.48
C ARG A 196 22.44 15.48 28.52
N PHE A 197 21.21 14.95 28.60
CA PHE A 197 20.04 15.83 28.69
C PHE A 197 19.99 16.56 30.03
N PHE A 198 20.32 15.88 31.13
CA PHE A 198 20.40 16.54 32.43
C PHE A 198 21.50 17.61 32.43
N GLU A 199 22.63 17.31 31.79
CA GLU A 199 23.72 18.29 31.70
C GLU A 199 23.28 19.54 30.98
N LEU A 200 22.65 19.39 29.80
CA LEU A 200 22.18 20.53 29.02
C LEU A 200 21.23 21.40 29.83
N ARG A 201 20.27 20.79 30.53
CA ARG A 201 19.29 21.58 31.27
C ARG A 201 19.91 22.24 32.49
N LYS A 202 20.86 21.59 33.16
CA LYS A 202 21.53 22.23 34.27
C LYS A 202 22.30 23.46 33.80
N MET A 203 22.95 23.37 32.64
CA MET A 203 23.62 24.55 32.09
C MET A 203 22.64 25.69 31.98
N LEU A 204 21.38 25.37 31.65
CA LEU A 204 20.37 26.40 31.40
C LEU A 204 19.92 27.05 32.70
N LEU A 205 19.60 26.22 33.70
CA LEU A 205 19.15 26.74 34.97
C LEU A 205 20.27 27.39 35.76
N ASP A 206 21.53 27.02 35.50
CA ASP A 206 22.64 27.79 36.06
C ASP A 206 22.69 29.16 35.42
N LYS A 207 22.59 29.20 34.08
CA LYS A 207 22.64 30.47 33.36
C LYS A 207 21.51 31.41 33.77
N PHE A 208 20.35 30.88 34.15
CA PHE A 208 19.19 31.70 34.47
C PHE A 208 18.77 31.56 35.93
N ALA A 209 19.73 31.36 36.84
CA ALA A 209 19.45 31.08 38.23
C ALA A 209 18.97 32.28 39.03
N ASP A 210 19.01 33.49 38.47
CA ASP A 210 18.58 34.69 39.20
C ASP A 210 17.07 34.78 39.29
N ASP B 39 -26.10 32.97 -20.98
CA ASP B 39 -25.88 31.53 -20.81
C ASP B 39 -24.85 31.01 -21.82
N PRO B 40 -23.65 31.60 -21.83
CA PRO B 40 -22.68 31.25 -22.88
C PRO B 40 -22.10 29.85 -22.74
N MET B 41 -22.13 29.25 -21.55
CA MET B 41 -21.53 27.94 -21.35
C MET B 41 -22.33 26.85 -22.05
N TYR B 42 -23.66 26.87 -21.92
CA TYR B 42 -24.50 25.91 -22.64
C TYR B 42 -24.27 26.01 -24.14
N GLU B 43 -24.28 27.24 -24.70
CA GLU B 43 -24.18 27.38 -26.15
C GLU B 43 -22.88 26.82 -26.69
N GLN B 44 -21.79 27.01 -25.95
CA GLN B 44 -20.51 26.47 -26.37
C GLN B 44 -20.57 24.95 -26.44
N PHE B 45 -21.11 24.31 -25.39
CA PHE B 45 -21.27 22.86 -25.42
C PHE B 45 -22.17 22.43 -26.57
N LEU B 46 -23.29 23.14 -26.77
CA LEU B 46 -24.20 22.79 -27.85
C LEU B 46 -23.51 22.94 -29.21
N GLN B 47 -22.67 23.97 -29.35
CA GLN B 47 -22.02 24.19 -30.63
C GLN B 47 -20.99 23.10 -30.93
N ARG B 48 -20.31 22.60 -29.89
CA ARG B 48 -19.42 21.46 -30.08
C ARG B 48 -20.22 20.21 -30.42
N ILE B 49 -21.37 20.02 -29.77
CA ILE B 49 -22.20 18.85 -30.06
C ILE B 49 -22.73 18.90 -31.49
N GLN B 50 -23.22 20.08 -31.91
CA GLN B 50 -23.68 20.24 -33.30
C GLN B 50 -22.60 19.86 -34.29
N ALA B 51 -21.34 20.11 -33.94
CA ALA B 51 -20.24 19.95 -34.87
C ALA B 51 -19.62 18.57 -34.82
N VAL B 52 -19.61 17.94 -33.65
CA VAL B 52 -18.75 16.79 -33.43
C VAL B 52 -19.19 15.64 -34.32
N ARG B 53 -18.22 14.97 -34.92
CA ARG B 53 -18.52 13.86 -35.82
C ARG B 53 -18.00 12.53 -35.32
N THR B 54 -17.08 12.51 -34.36
CA THR B 54 -16.39 11.27 -34.04
C THR B 54 -16.57 10.92 -32.57
N ALA B 55 -16.31 9.64 -32.27
CA ALA B 55 -16.46 9.15 -30.92
C ALA B 55 -15.40 9.72 -29.98
N THR B 56 -14.16 9.89 -30.47
CA THR B 56 -13.11 10.41 -29.61
C THR B 56 -13.44 11.82 -29.12
N VAL B 57 -13.70 12.74 -30.05
CA VAL B 57 -13.97 14.12 -29.66
C VAL B 57 -15.20 14.18 -28.75
N ALA B 58 -16.25 13.42 -29.08
CA ALA B 58 -17.45 13.42 -28.24
C ALA B 58 -17.15 12.93 -26.83
N LYS B 59 -16.22 11.97 -26.70
CA LYS B 59 -15.77 11.58 -25.37
C LYS B 59 -15.21 12.75 -24.58
N ASP B 60 -14.46 13.65 -25.24
CA ASP B 60 -13.95 14.83 -24.55
C ASP B 60 -15.07 15.80 -24.20
N ILE B 61 -16.08 15.95 -25.08
CA ILE B 61 -17.18 16.85 -24.76
C ILE B 61 -17.91 16.35 -23.51
N SER B 62 -18.01 15.03 -23.36
CA SER B 62 -18.68 14.46 -22.19
C SER B 62 -17.88 14.76 -20.91
N ALA B 63 -16.61 14.35 -20.88
CA ALA B 63 -15.70 14.75 -19.82
C ALA B 63 -15.85 16.23 -19.47
N ASP B 64 -15.88 17.08 -20.50
CA ASP B 64 -15.97 18.51 -20.25
C ASP B 64 -17.30 18.91 -19.60
N ILE B 65 -18.41 18.32 -20.04
CA ILE B 65 -19.70 18.65 -19.46
C ILE B 65 -19.74 18.24 -17.99
N LEU B 66 -19.21 17.05 -17.69
CA LEU B 66 -19.15 16.58 -16.31
C LEU B 66 -18.38 17.55 -15.42
N GLU B 67 -17.22 18.03 -15.90
CA GLU B 67 -16.45 18.98 -15.10
C GLU B 67 -17.20 20.30 -14.96
N ALA B 68 -17.95 20.67 -16.00
CA ALA B 68 -18.73 21.90 -15.94
C ALA B 68 -19.89 21.80 -14.92
N ARG B 69 -20.51 20.63 -14.78
CA ARG B 69 -21.53 20.57 -13.74
C ARG B 69 -20.88 20.49 -12.37
N HIS B 70 -19.72 19.85 -12.29
CA HIS B 70 -18.97 19.89 -11.03
C HIS B 70 -18.64 21.33 -10.65
N ASP B 71 -18.09 22.09 -11.60
CA ASP B 71 -17.73 23.48 -11.32
C ASP B 71 -18.96 24.31 -10.97
N TYR B 72 -20.04 24.17 -11.77
CA TYR B 72 -21.29 24.84 -11.46
C TYR B 72 -21.73 24.62 -10.01
N PHE B 73 -21.69 23.38 -9.54
CA PHE B 73 -22.06 23.12 -8.15
C PHE B 73 -21.13 23.88 -7.20
N GLY B 74 -19.82 23.82 -7.45
CA GLY B 74 -18.87 24.54 -6.59
C GLY B 74 -19.20 26.01 -6.45
N ARG B 75 -19.52 26.66 -7.58
CA ARG B 75 -19.96 28.05 -7.56
C ARG B 75 -21.21 28.21 -6.69
N GLU B 76 -22.24 27.41 -6.96
CA GLU B 76 -23.49 27.58 -6.22
C GLU B 76 -23.30 27.28 -4.74
N LEU B 77 -22.58 26.21 -4.42
CA LEU B 77 -22.31 25.90 -3.02
C LEU B 77 -21.65 27.07 -2.31
N CYS B 78 -20.64 27.67 -2.96
CA CYS B 78 -19.97 28.81 -2.34
C CYS B 78 -20.86 30.05 -2.30
N ARG B 79 -21.63 30.30 -3.37
CA ARG B 79 -22.52 31.45 -3.34
C ARG B 79 -23.56 31.33 -2.24
N ALA B 80 -24.05 30.11 -1.99
CA ALA B 80 -25.02 29.91 -0.92
C ALA B 80 -24.38 30.08 0.46
N LEU B 81 -23.25 29.42 0.68
CA LEU B 81 -22.59 29.48 1.98
C LEU B 81 -21.72 30.73 2.15
N ASP B 82 -21.70 31.66 1.19
CA ASP B 82 -21.05 32.97 1.36
C ASP B 82 -19.56 32.81 1.70
N ILE B 83 -18.91 31.95 0.92
CA ILE B 83 -17.48 31.72 1.08
C ILE B 83 -16.82 31.94 -0.27
N GLU B 84 -15.57 32.38 -0.22
CA GLU B 84 -14.81 32.68 -1.42
C GLU B 84 -14.73 31.45 -2.32
N TYR B 85 -15.08 31.63 -3.59
CA TYR B 85 -15.01 30.54 -4.55
C TYR B 85 -13.60 30.40 -5.08
N ARG B 86 -13.06 29.20 -4.96
CA ARG B 86 -11.83 28.82 -5.62
C ARG B 86 -12.07 27.44 -6.21
N ASN B 87 -11.27 27.09 -7.20
CA ASN B 87 -11.46 25.77 -7.81
C ASN B 87 -10.07 25.26 -8.17
N ASN B 88 -9.58 24.33 -7.35
CA ASN B 88 -8.21 23.81 -7.43
C ASN B 88 -7.22 24.85 -6.95
N VAL B 89 -6.58 24.55 -5.82
CA VAL B 89 -5.57 25.41 -5.23
C VAL B 89 -4.39 24.53 -4.82
N LEU B 90 -3.20 24.82 -5.35
CA LEU B 90 -2.00 24.13 -4.91
C LEU B 90 -1.94 24.12 -3.38
N LEU B 91 -1.60 22.95 -2.81
CA LEU B 91 -1.56 22.82 -1.36
C LEU B 91 -0.52 23.76 -0.75
N ASP B 92 0.65 23.86 -1.39
CA ASP B 92 1.67 24.82 -1.00
C ASP B 92 1.11 26.24 -0.90
N GLU B 93 0.22 26.61 -1.82
CA GLU B 93 -0.37 27.94 -1.76
C GLU B 93 -1.35 28.07 -0.61
N ILE B 94 -2.05 26.97 -0.27
CA ILE B 94 -2.95 27.00 0.87
C ILE B 94 -2.16 27.17 2.16
N ILE B 95 -1.11 26.37 2.32
CA ILE B 95 -0.26 26.50 3.51
C ILE B 95 0.22 27.94 3.64
N LEU B 96 0.81 28.47 2.57
CA LEU B 96 1.34 29.83 2.58
C LEU B 96 0.27 30.86 2.93
N ASP B 97 -1.00 30.56 2.63
CA ASP B 97 -2.06 31.53 2.85
C ASP B 97 -2.54 31.55 4.30
N VAL B 98 -2.62 30.39 4.94
CA VAL B 98 -3.01 30.34 6.34
C VAL B 98 -1.83 30.64 7.26
N TYR B 99 -0.61 30.45 6.79
CA TYR B 99 0.57 30.50 7.65
C TYR B 99 1.75 30.98 6.81
N PRO B 100 1.77 32.27 6.49
CA PRO B 100 2.78 32.78 5.53
C PRO B 100 4.20 32.59 5.98
N GLY B 101 4.43 32.36 7.27
CA GLY B 101 5.76 32.21 7.77
C GLY B 101 6.22 30.78 7.92
N VAL B 102 5.53 29.80 7.33
CA VAL B 102 6.07 28.44 7.33
C VAL B 102 7.48 28.47 6.80
N ASN B 103 8.35 27.66 7.39
CA ASN B 103 9.63 27.37 6.76
C ASN B 103 9.34 26.26 5.74
N LEU B 104 8.71 26.67 4.63
CA LEU B 104 8.10 25.76 3.68
C LEU B 104 9.08 24.71 3.19
N MET B 105 10.33 25.10 2.94
CA MET B 105 11.29 24.20 2.32
C MET B 105 11.71 23.05 3.23
N GLU B 106 11.42 23.15 4.54
CA GLU B 106 11.67 22.06 5.47
C GLU B 106 10.75 20.84 5.26
N TYR B 107 9.65 21.00 4.53
CA TYR B 107 8.61 19.95 4.48
C TYR B 107 8.44 19.36 3.08
N ASN B 108 8.06 18.08 3.05
CA ASN B 108 7.70 17.41 1.79
C ASN B 108 6.20 17.63 1.59
N VAL B 109 5.85 18.54 0.68
CA VAL B 109 4.47 18.93 0.50
C VAL B 109 3.98 18.33 -0.82
N PRO B 110 3.03 17.38 -0.79
CA PRO B 110 2.45 16.87 -2.03
C PRO B 110 1.70 17.99 -2.75
N HIS B 111 1.87 18.03 -4.07
CA HIS B 111 1.35 19.17 -4.83
C HIS B 111 -0.05 18.90 -5.40
N VAL B 112 -0.94 18.42 -4.51
CA VAL B 112 -2.34 18.27 -4.89
C VAL B 112 -2.98 19.65 -4.97
N THR B 113 -4.14 19.70 -5.61
CA THR B 113 -4.88 20.93 -5.84
C THR B 113 -6.32 20.68 -5.42
N PRO B 114 -6.62 20.71 -4.12
CA PRO B 114 -8.04 20.64 -3.70
C PRO B 114 -8.81 21.84 -4.21
N ASP B 115 -10.12 21.62 -4.43
CA ASP B 115 -10.96 22.65 -5.03
C ASP B 115 -10.92 23.94 -4.24
N ASN B 116 -11.01 23.86 -2.92
CA ASN B 116 -11.17 25.05 -2.11
C ASN B 116 -10.78 24.72 -0.67
N TYR B 117 -10.92 25.72 0.20
CA TYR B 117 -10.61 25.54 1.62
C TYR B 117 -11.20 26.70 2.39
N ILE B 118 -11.40 26.46 3.70
CA ILE B 118 -11.78 27.49 4.64
C ILE B 118 -10.77 27.49 5.79
N TRP B 119 -10.37 28.68 6.21
CA TRP B 119 -9.53 28.86 7.38
C TRP B 119 -10.36 29.55 8.46
N THR B 120 -10.69 28.83 9.53
CA THR B 120 -11.45 29.37 10.65
C THR B 120 -10.58 30.09 11.68
N GLY B 121 -9.31 30.35 11.39
CA GLY B 121 -8.40 30.85 12.40
C GLY B 121 -7.94 29.82 13.40
N ASP B 122 -8.74 28.78 13.64
CA ASP B 122 -8.33 27.62 14.42
C ASP B 122 -8.22 26.34 13.60
N MET B 123 -8.87 26.26 12.44
CA MET B 123 -8.93 25.02 11.70
C MET B 123 -8.87 25.27 10.20
N LEU B 124 -8.21 24.35 9.49
CA LEU B 124 -8.17 24.35 8.03
C LEU B 124 -9.07 23.24 7.52
N LEU B 125 -10.15 23.62 6.84
CA LEU B 125 -11.03 22.67 6.17
C LEU B 125 -10.70 22.67 4.70
N ILE B 126 -10.05 21.59 4.24
CA ILE B 126 -9.88 21.32 2.83
C ILE B 126 -11.23 20.91 2.25
N LEU B 127 -11.67 21.59 1.19
CA LEU B 127 -12.97 21.36 0.58
C LEU B 127 -12.80 20.73 -0.79
N ASP B 128 -13.55 19.66 -1.08
CA ASP B 128 -13.60 19.11 -2.42
C ASP B 128 -15.05 18.96 -2.87
N TYR B 129 -15.38 19.58 -4.00
CA TYR B 129 -16.69 19.42 -4.62
C TYR B 129 -16.81 18.08 -5.36
N LYS B 130 -18.02 17.54 -5.38
CA LYS B 130 -18.35 16.30 -6.07
C LYS B 130 -19.78 16.41 -6.59
N VAL B 131 -20.04 15.88 -7.79
CA VAL B 131 -21.40 15.71 -8.31
C VAL B 131 -21.54 14.28 -8.83
N SER B 132 -22.29 13.46 -8.09
CA SER B 132 -22.42 12.04 -8.39
C SER B 132 -23.64 11.48 -7.68
N VAL B 133 -24.15 10.35 -8.19
CA VAL B 133 -25.30 9.69 -7.58
C VAL B 133 -24.88 8.67 -6.52
N GLY B 134 -23.64 8.18 -6.59
CA GLY B 134 -23.07 7.37 -5.54
C GLY B 134 -21.92 8.09 -4.84
N HIS B 135 -21.32 7.37 -3.88
CA HIS B 135 -20.30 7.95 -3.01
C HIS B 135 -18.92 7.35 -3.23
N ASP B 136 -18.72 6.61 -4.33
CA ASP B 136 -17.45 5.90 -4.51
C ASP B 136 -16.33 6.86 -4.88
N SER B 137 -16.61 7.85 -5.72
CA SER B 137 -15.61 8.86 -6.01
C SER B 137 -15.33 9.72 -4.78
N THR B 138 -16.34 9.92 -3.92
CA THR B 138 -16.11 10.63 -2.66
C THR B 138 -15.08 9.90 -1.81
N GLU B 139 -15.26 8.58 -1.66
CA GLU B 139 -14.34 7.78 -0.87
C GLU B 139 -12.92 7.85 -1.43
N VAL B 140 -12.80 7.83 -2.76
CA VAL B 140 -11.49 7.86 -3.40
C VAL B 140 -10.74 9.14 -3.04
N THR B 141 -11.40 10.29 -3.21
CA THR B 141 -10.72 11.54 -2.86
C THR B 141 -10.53 11.67 -1.36
N TYR B 142 -11.45 11.11 -0.57
CA TYR B 142 -11.31 11.19 0.89
C TYR B 142 -10.09 10.42 1.37
N LYS B 143 -9.94 9.16 0.94
CA LYS B 143 -8.76 8.39 1.28
C LYS B 143 -7.50 9.09 0.81
N LYS B 144 -7.49 9.54 -0.45
CA LYS B 144 -6.29 10.11 -1.06
C LYS B 144 -5.81 11.33 -0.29
N TYR B 145 -6.71 12.29 -0.05
CA TYR B 145 -6.36 13.51 0.68
C TYR B 145 -6.00 13.22 2.14
N THR B 146 -6.68 12.24 2.75
CA THR B 146 -6.32 11.83 4.10
C THR B 146 -4.85 11.43 4.19
N THR B 147 -4.38 10.59 3.27
CA THR B 147 -3.00 10.12 3.36
C THR B 147 -2.00 11.12 2.81
N LEU B 148 -2.39 11.98 1.87
CA LEU B 148 -1.42 12.88 1.25
C LEU B 148 -1.38 14.26 1.91
N ILE B 149 -2.51 14.77 2.39
CA ILE B 149 -2.55 16.12 2.96
C ILE B 149 -2.30 16.14 4.47
N LEU B 150 -3.06 15.34 5.23
CA LEU B 150 -3.06 15.46 6.68
C LEU B 150 -1.70 15.27 7.34
N PRO B 151 -0.83 14.37 6.89
CA PRO B 151 0.49 14.28 7.55
C PRO B 151 1.32 15.57 7.53
N VAL B 152 1.56 16.22 6.38
CA VAL B 152 2.38 17.44 6.40
C VAL B 152 1.72 18.50 7.25
N MET B 153 0.39 18.62 7.14
CA MET B 153 -0.35 19.59 7.94
C MET B 153 -0.10 19.34 9.43
N GLN B 154 -0.09 18.07 9.86
CA GLN B 154 0.25 17.73 11.25
C GLN B 154 1.66 18.15 11.59
N GLU B 155 2.60 17.95 10.66
CA GLU B 155 3.99 18.31 10.93
C GLU B 155 4.15 19.82 11.03
N ILE B 156 3.37 20.56 10.26
CA ILE B 156 3.45 22.00 10.32
C ILE B 156 2.69 22.54 11.53
N GLY B 157 1.78 21.74 12.11
CA GLY B 157 0.98 22.23 13.22
C GLY B 157 -0.26 22.99 12.83
N ILE B 158 -0.81 22.74 11.64
CA ILE B 158 -2.09 23.32 11.23
C ILE B 158 -3.14 22.23 11.35
N ASN B 159 -4.14 22.45 12.20
CA ASN B 159 -5.17 21.44 12.40
C ASN B 159 -6.12 21.44 11.20
N THR B 160 -6.27 20.29 10.56
CA THR B 160 -6.90 20.21 9.25
C THR B 160 -7.87 19.04 9.16
N GLU B 161 -9.02 19.29 8.53
CA GLU B 161 -9.99 18.23 8.20
C GLU B 161 -10.21 18.18 6.69
N ILE B 162 -10.23 16.96 6.15
CA ILE B 162 -10.69 16.76 4.79
C ILE B 162 -12.21 16.78 4.77
N CYS B 163 -12.78 17.66 3.95
CA CYS B 163 -14.22 17.81 3.80
C CYS B 163 -14.61 17.60 2.35
N ILE B 164 -15.58 16.75 2.11
CA ILE B 164 -16.07 16.52 0.76
C ILE B 164 -17.58 16.73 0.74
N ILE B 165 -18.03 17.48 -0.26
CA ILE B 165 -19.41 17.92 -0.38
C ILE B 165 -19.91 17.44 -1.76
N ARG B 166 -21.01 16.70 -1.74
CA ARG B 166 -21.49 16.02 -2.93
C ARG B 166 -22.95 16.37 -3.17
N ALA B 167 -23.25 16.79 -4.39
CA ALA B 167 -24.62 16.90 -4.84
C ALA B 167 -24.90 15.71 -5.73
N ASN B 168 -25.99 15.04 -5.47
CA ASN B 168 -26.53 14.11 -6.42
C ASN B 168 -27.10 14.93 -7.55
N PRO B 169 -26.72 14.71 -8.81
CA PRO B 169 -27.28 15.58 -9.87
C PRO B 169 -28.72 15.26 -10.21
N VAL B 170 -29.12 14.02 -9.98
CA VAL B 170 -30.46 13.56 -10.30
C VAL B 170 -31.45 14.05 -9.24
N THR B 171 -31.10 13.99 -7.95
CA THR B 171 -32.04 14.38 -6.90
C THR B 171 -31.77 15.73 -6.24
N ASN B 172 -30.64 16.38 -6.52
CA ASN B 172 -30.17 17.62 -5.90
C ASN B 172 -29.83 17.48 -4.41
N GLN B 173 -29.84 16.28 -3.85
CA GLN B 173 -29.55 16.12 -2.42
C GLN B 173 -28.05 16.24 -2.13
N ILE B 174 -27.72 16.91 -1.02
CA ILE B 174 -26.33 17.16 -0.64
C ILE B 174 -25.89 16.21 0.46
N SER B 175 -24.67 15.69 0.33
CA SER B 175 -24.02 14.86 1.33
C SER B 175 -22.71 15.51 1.76
N ILE B 176 -22.42 15.47 3.07
CA ILE B 176 -21.22 16.11 3.62
C ILE B 176 -20.40 15.09 4.41
N VAL B 177 -19.14 14.92 4.02
CA VAL B 177 -18.14 14.23 4.82
C VAL B 177 -17.24 15.30 5.44
N GLY B 178 -17.13 15.30 6.76
CA GLY B 178 -16.38 16.33 7.46
C GLY B 178 -17.20 16.89 8.60
N GLU B 179 -16.93 16.41 9.82
CA GLU B 179 -17.80 16.71 10.95
C GLU B 179 -17.78 18.19 11.28
N GLN B 180 -16.63 18.84 11.08
CA GLN B 180 -16.54 20.26 11.40
C GLN B 180 -17.30 21.09 10.36
N PHE B 181 -17.19 20.73 9.09
CA PHE B 181 -17.93 21.45 8.06
C PHE B 181 -19.42 21.49 8.35
N LYS B 182 -19.98 20.34 8.75
CA LYS B 182 -21.40 20.29 9.12
C LYS B 182 -21.69 21.27 10.26
N ARG B 183 -20.87 21.25 11.32
CA ARG B 183 -21.10 22.15 12.45
C ARG B 183 -21.11 23.61 12.02
N LEU B 184 -20.26 23.98 11.06
CA LEU B 184 -20.31 25.34 10.54
C LEU B 184 -21.56 25.57 9.70
N PHE B 185 -21.99 24.58 8.93
CA PHE B 185 -23.07 24.74 7.96
C PHE B 185 -24.12 23.67 8.15
N PRO B 186 -24.93 23.74 9.22
CA PRO B 186 -26.01 22.77 9.41
C PRO B 186 -27.06 22.80 8.30
N THR B 187 -27.36 23.99 7.78
CA THR B 187 -28.21 24.13 6.60
C THR B 187 -27.34 24.46 5.40
N ILE B 188 -27.80 24.05 4.22
CA ILE B 188 -27.11 24.31 2.96
C ILE B 188 -28.09 24.85 1.94
N PRO B 189 -28.25 26.17 1.81
CA PRO B 189 -29.42 26.72 1.09
C PRO B 189 -29.18 26.90 -0.40
N VAL B 190 -28.97 25.78 -1.11
CA VAL B 190 -28.56 25.79 -2.51
C VAL B 190 -29.74 25.48 -3.41
N GLU B 191 -29.92 26.25 -4.47
CA GLU B 191 -30.96 26.04 -5.47
C GLU B 191 -30.30 25.49 -6.74
N LEU B 192 -30.24 24.17 -6.85
CA LEU B 192 -29.46 23.50 -7.88
C LEU B 192 -30.36 23.08 -9.04
N ASN B 193 -29.83 23.18 -10.26
CA ASN B 193 -30.54 22.77 -11.47
C ASN B 193 -29.51 22.16 -12.41
N PHE B 194 -29.46 20.83 -12.49
CA PHE B 194 -28.51 20.16 -13.36
C PHE B 194 -29.11 19.79 -14.71
N ALA B 195 -30.38 20.19 -14.94
CA ALA B 195 -31.13 19.76 -16.12
C ALA B 195 -30.36 20.01 -17.40
N ARG B 196 -29.78 21.21 -17.55
CA ARG B 196 -29.10 21.54 -18.80
C ARG B 196 -27.94 20.58 -19.07
N PHE B 197 -27.25 20.12 -18.02
CA PHE B 197 -26.12 19.21 -18.24
C PHE B 197 -26.61 17.83 -18.69
N PHE B 198 -27.67 17.32 -18.09
CA PHE B 198 -28.21 16.05 -18.57
C PHE B 198 -28.62 16.15 -20.02
N GLU B 199 -29.24 17.28 -20.38
CA GLU B 199 -29.69 17.53 -21.75
C GLU B 199 -28.55 17.48 -22.76
N LEU B 200 -27.44 18.17 -22.48
CA LEU B 200 -26.36 18.20 -23.47
C LEU B 200 -25.72 16.82 -23.60
N ARG B 201 -25.54 16.13 -22.48
CA ARG B 201 -25.04 14.76 -22.54
C ARG B 201 -26.03 13.83 -23.23
N LYS B 202 -27.33 14.09 -23.10
CA LYS B 202 -28.33 13.24 -23.75
C LYS B 202 -28.29 13.42 -25.26
N MET B 203 -28.16 14.66 -25.72
CA MET B 203 -27.91 14.88 -27.15
C MET B 203 -26.69 14.11 -27.59
N LEU B 204 -25.66 14.10 -26.73
CA LEU B 204 -24.39 13.50 -27.11
C LEU B 204 -24.48 11.99 -27.16
N LEU B 205 -25.35 11.40 -26.32
CA LEU B 205 -25.60 9.96 -26.32
C LEU B 205 -26.63 9.53 -27.35
N ASP B 206 -27.54 10.43 -27.75
CA ASP B 206 -28.46 10.10 -28.83
C ASP B 206 -27.76 10.13 -30.18
N LYS B 207 -26.91 11.15 -30.41
CA LYS B 207 -25.96 11.19 -31.53
C LYS B 207 -25.21 9.89 -31.74
N PHE B 208 -24.60 9.36 -30.68
CA PHE B 208 -23.65 8.28 -30.80
C PHE B 208 -24.20 6.98 -30.19
N ALA B 209 -25.50 6.75 -30.37
CA ALA B 209 -26.13 5.56 -29.81
C ALA B 209 -25.71 4.29 -30.51
N ASP B 210 -25.17 4.38 -31.73
CA ASP B 210 -24.67 3.20 -32.44
C ASP B 210 -23.14 3.13 -32.34
N ASP C 39 -13.68 -18.64 11.44
CA ASP C 39 -14.55 -19.31 10.48
C ASP C 39 -14.71 -20.80 10.81
N PRO C 40 -15.95 -21.30 10.73
CA PRO C 40 -16.16 -22.75 10.87
C PRO C 40 -15.76 -23.51 9.64
N MET C 41 -15.68 -22.85 8.50
CA MET C 41 -15.09 -23.48 7.33
C MET C 41 -13.58 -23.67 7.54
N TYR C 42 -12.90 -22.61 7.97
CA TYR C 42 -11.45 -22.70 8.16
C TYR C 42 -11.09 -23.74 9.22
N GLU C 43 -11.76 -23.70 10.37
CA GLU C 43 -11.41 -24.62 11.44
C GLU C 43 -11.64 -26.06 11.02
N GLN C 44 -12.72 -26.31 10.28
CA GLN C 44 -13.01 -27.65 9.77
C GLN C 44 -11.86 -28.17 8.92
N PHE C 45 -11.38 -27.34 7.99
CA PHE C 45 -10.23 -27.72 7.17
C PHE C 45 -8.98 -27.92 8.01
N LEU C 46 -8.75 -27.03 8.98
CA LEU C 46 -7.58 -27.16 9.84
C LEU C 46 -7.65 -28.45 10.66
N GLN C 47 -8.84 -28.78 11.15
CA GLN C 47 -9.05 -30.06 11.82
C GLN C 47 -8.70 -31.21 10.89
N ARG C 48 -9.21 -31.21 9.65
CA ARG C 48 -8.90 -32.27 8.70
C ARG C 48 -7.40 -32.38 8.44
N ILE C 49 -6.73 -31.24 8.30
CA ILE C 49 -5.28 -31.25 8.05
C ILE C 49 -4.54 -31.74 9.29
N GLN C 50 -5.06 -31.46 10.49
CA GLN C 50 -4.43 -31.97 11.71
C GLN C 50 -4.48 -33.49 11.77
N ALA C 51 -5.55 -34.09 11.25
CA ALA C 51 -5.71 -35.53 11.39
C ALA C 51 -5.04 -36.30 10.28
N VAL C 52 -5.07 -35.75 9.06
CA VAL C 52 -4.80 -36.55 7.87
C VAL C 52 -3.46 -37.25 8.00
N ARG C 53 -3.45 -38.54 7.68
CA ARG C 53 -2.22 -39.32 7.65
C ARG C 53 -1.95 -39.94 6.29
N THR C 54 -2.90 -39.90 5.36
CA THR C 54 -2.82 -40.62 4.09
C THR C 54 -2.89 -39.63 2.94
N ALA C 55 -1.94 -39.75 2.01
CA ALA C 55 -1.90 -38.89 0.84
C ALA C 55 -3.22 -38.92 0.08
N THR C 56 -3.89 -40.07 0.06
CA THR C 56 -5.16 -40.19 -0.63
C THR C 56 -6.21 -39.26 -0.04
N VAL C 57 -6.29 -39.18 1.29
CA VAL C 57 -7.21 -38.25 1.92
C VAL C 57 -6.68 -36.82 1.84
N ALA C 58 -5.37 -36.66 1.65
CA ALA C 58 -4.79 -35.33 1.50
C ALA C 58 -5.13 -34.73 0.14
N LYS C 59 -5.13 -35.55 -0.91
CA LYS C 59 -5.56 -35.09 -2.23
C LYS C 59 -6.97 -34.50 -2.17
N ASP C 60 -7.89 -35.20 -1.51
CA ASP C 60 -9.26 -34.70 -1.38
C ASP C 60 -9.30 -33.38 -0.61
N ILE C 61 -8.44 -33.21 0.41
CA ILE C 61 -8.43 -31.97 1.16
C ILE C 61 -7.96 -30.82 0.29
N SER C 62 -6.89 -31.06 -0.47
CA SER C 62 -6.38 -30.05 -1.39
C SER C 62 -7.46 -29.61 -2.40
N ALA C 63 -8.16 -30.58 -3.00
CA ALA C 63 -9.23 -30.26 -3.94
C ALA C 63 -10.38 -29.55 -3.25
N ASP C 64 -10.74 -30.04 -2.06
CA ASP C 64 -11.78 -29.40 -1.27
C ASP C 64 -11.45 -27.95 -0.94
N ILE C 65 -10.16 -27.62 -0.79
CA ILE C 65 -9.82 -26.24 -0.46
C ILE C 65 -9.97 -25.36 -1.68
N LEU C 66 -9.40 -25.80 -2.80
CA LEU C 66 -9.60 -25.09 -4.06
C LEU C 66 -11.08 -24.86 -4.34
N GLU C 67 -11.94 -25.87 -4.10
CA GLU C 67 -13.37 -25.71 -4.40
C GLU C 67 -14.03 -24.72 -3.45
N ALA C 68 -13.67 -24.81 -2.16
CA ALA C 68 -14.15 -23.84 -1.17
C ALA C 68 -13.71 -22.43 -1.51
N ARG C 69 -12.46 -22.28 -1.96
CA ARG C 69 -12.00 -21.01 -2.50
C ARG C 69 -12.89 -20.53 -3.63
N HIS C 70 -13.16 -21.41 -4.59
CA HIS C 70 -14.05 -21.02 -5.68
C HIS C 70 -15.40 -20.56 -5.15
N ASP C 71 -15.98 -21.32 -4.20
CA ASP C 71 -17.37 -21.05 -3.81
C ASP C 71 -17.49 -19.79 -2.96
N TYR C 72 -16.45 -19.52 -2.15
CA TYR C 72 -16.35 -18.26 -1.43
C TYR C 72 -16.39 -17.07 -2.37
N PHE C 73 -15.60 -17.11 -3.44
CA PHE C 73 -15.68 -16.02 -4.42
C PHE C 73 -17.09 -15.88 -4.98
N GLY C 74 -17.70 -17.01 -5.37
CA GLY C 74 -19.04 -16.95 -5.93
C GLY C 74 -20.06 -16.35 -4.97
N ARG C 75 -19.96 -16.70 -3.68
CA ARG C 75 -20.87 -16.15 -2.67
C ARG C 75 -20.67 -14.65 -2.52
N GLU C 76 -19.41 -14.21 -2.47
CA GLU C 76 -19.12 -12.78 -2.31
C GLU C 76 -19.52 -11.99 -3.54
N LEU C 77 -19.19 -12.50 -4.73
CA LEU C 77 -19.57 -11.81 -5.95
C LEU C 77 -21.09 -11.58 -6.03
N CYS C 78 -21.89 -12.58 -5.63
CA CYS C 78 -23.34 -12.45 -5.75
C CYS C 78 -23.96 -11.60 -4.65
N ARG C 79 -23.37 -11.62 -3.45
CA ARG C 79 -23.83 -10.73 -2.39
C ARG C 79 -23.56 -9.29 -2.74
N ALA C 80 -22.38 -9.00 -3.29
CA ALA C 80 -22.02 -7.62 -3.62
C ALA C 80 -22.83 -7.08 -4.80
N LEU C 81 -23.27 -7.95 -5.71
CA LEU C 81 -24.13 -7.50 -6.80
C LEU C 81 -25.60 -7.67 -6.50
N ASP C 82 -25.95 -8.14 -5.30
CA ASP C 82 -27.33 -8.45 -4.91
C ASP C 82 -28.03 -9.29 -5.99
N ILE C 83 -27.40 -10.42 -6.33
CA ILE C 83 -28.00 -11.40 -7.22
C ILE C 83 -28.07 -12.74 -6.52
N GLU C 84 -29.11 -13.50 -6.83
CA GLU C 84 -29.37 -14.76 -6.15
C GLU C 84 -28.15 -15.66 -6.22
N TYR C 85 -27.75 -16.21 -5.07
CA TYR C 85 -26.60 -17.09 -5.07
C TYR C 85 -27.01 -18.49 -5.44
N ARG C 86 -26.35 -19.04 -6.44
CA ARG C 86 -26.50 -20.44 -6.80
C ARG C 86 -25.10 -20.96 -7.09
N ASN C 87 -24.94 -22.28 -6.97
CA ASN C 87 -23.66 -22.90 -7.29
C ASN C 87 -23.98 -24.27 -7.89
N ASN C 88 -23.94 -24.35 -9.22
CA ASN C 88 -24.25 -25.52 -10.02
C ASN C 88 -25.75 -25.71 -10.13
N VAL C 89 -26.30 -25.40 -11.31
CA VAL C 89 -27.72 -25.54 -11.61
C VAL C 89 -27.84 -26.26 -12.95
N LEU C 90 -28.60 -27.35 -12.97
CA LEU C 90 -28.78 -28.06 -14.23
C LEU C 90 -29.49 -27.14 -15.22
N LEU C 91 -29.06 -27.18 -16.48
CA LEU C 91 -29.69 -26.36 -17.51
C LEU C 91 -31.20 -26.65 -17.65
N ASP C 92 -31.65 -27.88 -17.39
CA ASP C 92 -33.10 -28.14 -17.42
C ASP C 92 -33.83 -27.17 -16.48
N GLU C 93 -33.31 -27.00 -15.26
CA GLU C 93 -33.95 -26.13 -14.28
C GLU C 93 -33.94 -24.67 -14.70
N ILE C 94 -32.79 -24.18 -15.22
CA ILE C 94 -32.70 -22.82 -15.74
C ILE C 94 -33.78 -22.58 -16.77
N ILE C 95 -33.88 -23.50 -17.75
CA ILE C 95 -34.89 -23.40 -18.79
C ILE C 95 -36.28 -23.29 -18.18
N LEU C 96 -36.62 -24.21 -17.27
CA LEU C 96 -37.92 -24.22 -16.61
C LEU C 96 -38.20 -22.92 -15.87
N ASP C 97 -37.18 -22.38 -15.20
CA ASP C 97 -37.38 -21.12 -14.49
C ASP C 97 -37.58 -19.95 -15.46
N VAL C 98 -36.89 -19.98 -16.61
CA VAL C 98 -36.99 -18.86 -17.54
C VAL C 98 -38.23 -18.99 -18.41
N TYR C 99 -38.63 -20.21 -18.74
CA TYR C 99 -39.69 -20.46 -19.72
C TYR C 99 -40.50 -21.63 -19.18
N PRO C 100 -41.37 -21.36 -18.20
CA PRO C 100 -42.13 -22.46 -17.58
C PRO C 100 -43.00 -23.23 -18.56
N GLY C 101 -43.44 -22.60 -19.65
CA GLY C 101 -44.37 -23.27 -20.53
C GLY C 101 -43.66 -24.04 -21.62
N VAL C 102 -42.36 -24.29 -21.48
CA VAL C 102 -41.62 -24.94 -22.55
C VAL C 102 -42.06 -26.39 -22.68
N ASN C 103 -42.01 -26.90 -23.92
CA ASN C 103 -42.25 -28.31 -24.19
C ASN C 103 -40.93 -29.08 -24.02
N LEU C 104 -40.48 -29.14 -22.75
CA LEU C 104 -39.15 -29.66 -22.45
C LEU C 104 -38.90 -31.02 -23.08
N MET C 105 -39.92 -31.89 -23.13
CA MET C 105 -39.72 -33.23 -23.69
C MET C 105 -39.36 -33.20 -25.17
N GLU C 106 -39.54 -32.09 -25.87
CA GLU C 106 -39.23 -32.07 -27.29
C GLU C 106 -37.84 -31.51 -27.59
N TYR C 107 -36.95 -31.43 -26.58
CA TYR C 107 -35.59 -30.92 -26.74
C TYR C 107 -34.58 -31.86 -26.09
N ASN C 108 -33.45 -32.05 -26.76
CA ASN C 108 -32.32 -32.75 -26.16
C ASN C 108 -31.51 -31.72 -25.37
N VAL C 109 -31.62 -31.76 -24.05
CA VAL C 109 -30.94 -30.81 -23.18
C VAL C 109 -29.63 -31.44 -22.74
N PRO C 110 -28.47 -30.81 -23.01
CA PRO C 110 -27.21 -31.39 -22.55
C PRO C 110 -27.09 -31.33 -21.04
N HIS C 111 -26.46 -32.35 -20.49
CA HIS C 111 -26.16 -32.49 -19.07
C HIS C 111 -25.04 -31.50 -18.68
N VAL C 112 -25.40 -30.36 -18.11
CA VAL C 112 -24.44 -29.31 -17.74
C VAL C 112 -24.94 -28.59 -16.49
N THR C 113 -24.00 -28.17 -15.65
CA THR C 113 -24.30 -27.39 -14.45
C THR C 113 -23.39 -26.16 -14.37
N PRO C 114 -23.71 -25.10 -15.13
CA PRO C 114 -23.07 -23.81 -14.86
C PRO C 114 -23.33 -23.38 -13.42
N ASP C 115 -22.48 -22.46 -12.93
CA ASP C 115 -22.57 -22.06 -11.53
C ASP C 115 -23.90 -21.39 -11.23
N ASN C 116 -24.35 -20.49 -12.10
CA ASN C 116 -25.45 -19.58 -11.79
C ASN C 116 -25.99 -19.01 -13.09
N TYR C 117 -26.98 -18.13 -12.96
CA TYR C 117 -27.58 -17.48 -14.12
C TYR C 117 -28.35 -16.24 -13.66
N ILE C 118 -28.51 -15.30 -14.59
CA ILE C 118 -29.34 -14.11 -14.39
C ILE C 118 -30.35 -14.06 -15.52
N TRP C 119 -31.61 -13.80 -15.19
CA TRP C 119 -32.65 -13.63 -16.20
C TRP C 119 -33.04 -12.16 -16.22
N THR C 120 -32.72 -11.50 -17.34
CA THR C 120 -33.02 -10.08 -17.51
C THR C 120 -34.50 -9.81 -17.72
N GLY C 121 -35.26 -10.83 -18.12
CA GLY C 121 -36.55 -10.65 -18.76
C GLY C 121 -36.43 -10.58 -20.26
N ASP C 122 -35.25 -10.20 -20.74
CA ASP C 122 -34.89 -10.21 -22.15
C ASP C 122 -33.82 -11.25 -22.45
N MET C 123 -32.82 -11.38 -21.60
CA MET C 123 -31.67 -12.22 -21.89
C MET C 123 -31.31 -13.11 -20.71
N LEU C 124 -30.82 -14.29 -21.05
CA LEU C 124 -30.33 -15.24 -20.06
C LEU C 124 -28.81 -15.20 -20.04
N LEU C 125 -28.25 -14.79 -18.91
CA LEU C 125 -26.81 -14.76 -18.70
C LEU C 125 -26.42 -16.01 -17.90
N ILE C 126 -25.67 -16.91 -18.52
CA ILE C 126 -25.09 -18.07 -17.84
C ILE C 126 -23.79 -17.64 -17.14
N LEU C 127 -23.72 -17.79 -15.82
CA LEU C 127 -22.57 -17.35 -15.03
C LEU C 127 -21.73 -18.54 -14.58
N ASP C 128 -20.41 -18.42 -14.70
CA ASP C 128 -19.54 -19.37 -14.03
C ASP C 128 -18.42 -18.65 -13.31
N TYR C 129 -18.25 -18.95 -12.03
CA TYR C 129 -17.18 -18.37 -11.24
C TYR C 129 -15.85 -19.08 -11.52
N LYS C 130 -14.77 -18.30 -11.53
CA LYS C 130 -13.43 -18.86 -11.60
C LYS C 130 -12.54 -18.21 -10.55
N VAL C 131 -11.55 -18.96 -10.06
CA VAL C 131 -10.49 -18.40 -9.22
C VAL C 131 -9.19 -18.99 -9.75
N SER C 132 -8.36 -18.12 -10.33
CA SER C 132 -7.17 -18.57 -11.03
C SER C 132 -6.24 -17.39 -11.21
N VAL C 133 -4.94 -17.66 -11.31
CA VAL C 133 -4.04 -16.56 -11.69
C VAL C 133 -3.99 -16.40 -13.21
N GLY C 134 -4.17 -17.49 -13.95
CA GLY C 134 -4.26 -17.44 -15.39
C GLY C 134 -5.71 -17.46 -15.88
N HIS C 135 -5.87 -17.44 -17.20
CA HIS C 135 -7.20 -17.53 -17.78
C HIS C 135 -7.39 -18.74 -18.70
N ASP C 136 -6.54 -19.76 -18.61
CA ASP C 136 -6.76 -20.98 -19.39
C ASP C 136 -8.07 -21.66 -18.97
N SER C 137 -8.27 -21.81 -17.64
CA SER C 137 -9.49 -22.44 -17.15
C SER C 137 -10.71 -21.67 -17.62
N THR C 138 -10.60 -20.34 -17.72
CA THR C 138 -11.72 -19.53 -18.17
C THR C 138 -12.08 -19.86 -19.60
N GLU C 139 -11.07 -19.87 -20.48
CA GLU C 139 -11.31 -20.15 -21.89
C GLU C 139 -11.91 -21.53 -22.10
N VAL C 140 -11.44 -22.53 -21.35
CA VAL C 140 -11.97 -23.88 -21.52
C VAL C 140 -13.47 -23.90 -21.23
N THR C 141 -13.85 -23.49 -20.01
CA THR C 141 -15.27 -23.47 -19.65
C THR C 141 -16.08 -22.62 -20.61
N TYR C 142 -15.49 -21.56 -21.13
CA TYR C 142 -16.19 -20.69 -22.07
C TYR C 142 -16.55 -21.44 -23.36
N LYS C 143 -15.59 -22.15 -23.97
CA LYS C 143 -15.88 -22.92 -25.18
C LYS C 143 -16.88 -24.03 -24.91
N LYS C 144 -16.70 -24.75 -23.80
CA LYS C 144 -17.62 -25.82 -23.42
C LYS C 144 -19.06 -25.32 -23.36
N TYR C 145 -19.32 -24.26 -22.56
CA TYR C 145 -20.69 -23.79 -22.44
C TYR C 145 -21.20 -23.14 -23.73
N THR C 146 -20.32 -22.45 -24.49
CA THR C 146 -20.69 -22.06 -25.86
C THR C 146 -21.18 -23.26 -26.66
N THR C 147 -20.40 -24.34 -26.68
CA THR C 147 -20.76 -25.55 -27.42
C THR C 147 -22.02 -26.22 -26.85
N LEU C 148 -22.18 -26.26 -25.54
CA LEU C 148 -23.19 -27.15 -24.97
C LEU C 148 -24.50 -26.45 -24.60
N ILE C 149 -24.48 -25.14 -24.35
CA ILE C 149 -25.67 -24.43 -23.88
C ILE C 149 -26.35 -23.64 -25.01
N LEU C 150 -25.57 -22.91 -25.78
CA LEU C 150 -26.17 -22.00 -26.76
C LEU C 150 -27.08 -22.70 -27.77
N PRO C 151 -26.71 -23.85 -28.37
CA PRO C 151 -27.62 -24.45 -29.36
C PRO C 151 -29.02 -24.73 -28.83
N VAL C 152 -29.08 -25.46 -27.71
CA VAL C 152 -30.34 -25.81 -27.08
C VAL C 152 -31.16 -24.55 -26.78
N MET C 153 -30.51 -23.49 -26.29
CA MET C 153 -31.28 -22.29 -25.94
C MET C 153 -31.76 -21.56 -27.19
N GLN C 154 -31.01 -21.64 -28.28
CA GLN C 154 -31.45 -21.00 -29.52
C GLN C 154 -32.67 -21.68 -30.11
N GLU C 155 -32.71 -23.02 -30.09
CA GLU C 155 -33.87 -23.74 -30.62
C GLU C 155 -35.11 -23.45 -29.79
N ILE C 156 -34.95 -23.29 -28.47
CA ILE C 156 -36.06 -22.94 -27.61
C ILE C 156 -36.45 -21.48 -27.77
N GLY C 157 -35.51 -20.64 -28.24
CA GLY C 157 -35.81 -19.23 -28.44
C GLY C 157 -35.52 -18.34 -27.25
N ILE C 158 -34.63 -18.75 -26.35
CA ILE C 158 -34.15 -17.91 -25.26
C ILE C 158 -32.82 -17.32 -25.67
N ASN C 159 -32.72 -16.00 -25.61
CA ASN C 159 -31.49 -15.30 -25.97
C ASN C 159 -30.47 -15.44 -24.85
N THR C 160 -29.30 -16.02 -25.14
CA THR C 160 -28.37 -16.41 -24.10
C THR C 160 -26.94 -15.92 -24.37
N GLU C 161 -26.26 -15.54 -23.29
CA GLU C 161 -24.85 -15.19 -23.37
C GLU C 161 -24.11 -15.93 -22.27
N ILE C 162 -22.94 -16.46 -22.60
CA ILE C 162 -22.10 -17.13 -21.62
C ILE C 162 -21.18 -16.11 -20.93
N CYS C 163 -21.25 -16.07 -19.61
CA CYS C 163 -20.46 -15.11 -18.84
C CYS C 163 -19.60 -15.84 -17.83
N ILE C 164 -18.34 -15.42 -17.74
CA ILE C 164 -17.41 -16.02 -16.79
C ILE C 164 -16.70 -14.92 -16.03
N ILE C 165 -16.75 -15.01 -14.71
CA ILE C 165 -16.18 -14.02 -13.81
C ILE C 165 -15.07 -14.70 -13.04
N ARG C 166 -13.86 -14.17 -13.17
CA ARG C 166 -12.69 -14.76 -12.56
C ARG C 166 -12.06 -13.80 -11.57
N ALA C 167 -11.72 -14.32 -10.39
CA ALA C 167 -10.90 -13.59 -9.43
C ALA C 167 -9.50 -14.16 -9.48
N ASN C 168 -8.50 -13.30 -9.65
CA ASN C 168 -7.12 -13.71 -9.35
C ASN C 168 -7.01 -13.86 -7.85
N PRO C 169 -6.65 -15.03 -7.30
CA PRO C 169 -6.56 -15.16 -5.84
C PRO C 169 -5.35 -14.46 -5.22
N VAL C 170 -4.36 -14.05 -6.01
CA VAL C 170 -3.19 -13.38 -5.44
C VAL C 170 -3.37 -11.88 -5.42
N THR C 171 -3.91 -11.31 -6.52
CA THR C 171 -4.05 -9.87 -6.64
C THR C 171 -5.45 -9.36 -6.31
N ASN C 172 -6.44 -10.25 -6.19
CA ASN C 172 -7.86 -9.91 -6.02
C ASN C 172 -8.45 -9.14 -7.19
N GLN C 173 -7.79 -9.16 -8.35
CA GLN C 173 -8.39 -8.56 -9.54
C GLN C 173 -9.49 -9.45 -10.11
N ILE C 174 -10.54 -8.83 -10.63
CA ILE C 174 -11.67 -9.53 -11.22
C ILE C 174 -11.62 -9.28 -12.72
N SER C 175 -11.72 -10.36 -13.50
CA SER C 175 -11.81 -10.30 -14.96
C SER C 175 -13.13 -10.89 -15.42
N ILE C 176 -13.80 -10.22 -16.35
CA ILE C 176 -15.14 -10.60 -16.78
C ILE C 176 -15.12 -10.90 -18.28
N VAL C 177 -15.76 -12.02 -18.64
CA VAL C 177 -16.07 -12.35 -20.02
C VAL C 177 -17.60 -12.32 -20.15
N GLY C 178 -18.10 -11.66 -21.19
CA GLY C 178 -19.53 -11.49 -21.36
C GLY C 178 -19.91 -10.03 -21.41
N GLU C 179 -20.18 -9.50 -22.62
CA GLU C 179 -20.36 -8.06 -22.79
C GLU C 179 -21.62 -7.57 -22.10
N GLN C 180 -22.63 -8.44 -21.98
CA GLN C 180 -23.88 -8.04 -21.34
C GLN C 180 -23.74 -8.00 -19.83
N PHE C 181 -22.97 -8.92 -19.24
CA PHE C 181 -22.70 -8.84 -17.80
C PHE C 181 -21.97 -7.54 -17.46
N LYS C 182 -20.97 -7.18 -18.27
CA LYS C 182 -20.26 -5.93 -18.04
C LYS C 182 -21.21 -4.75 -18.06
N ARG C 183 -22.19 -4.78 -18.97
CA ARG C 183 -23.08 -3.63 -19.10
C ARG C 183 -23.97 -3.48 -17.86
N LEU C 184 -24.33 -4.59 -17.20
CA LEU C 184 -25.19 -4.50 -16.04
C LEU C 184 -24.43 -4.25 -14.74
N PHE C 185 -23.15 -4.63 -14.69
CA PHE C 185 -22.30 -4.43 -13.52
C PHE C 185 -20.97 -3.90 -13.98
N PRO C 186 -20.84 -2.59 -14.19
CA PRO C 186 -19.54 -1.99 -14.47
C PRO C 186 -18.72 -1.76 -13.20
N THR C 187 -19.40 -1.78 -12.05
CA THR C 187 -18.75 -1.67 -10.74
C THR C 187 -18.98 -2.96 -9.98
N ILE C 188 -17.92 -3.53 -9.43
CA ILE C 188 -18.01 -4.83 -8.75
C ILE C 188 -17.43 -4.68 -7.34
N PRO C 189 -18.23 -4.21 -6.40
CA PRO C 189 -17.76 -3.85 -5.04
C PRO C 189 -17.55 -5.07 -4.14
N VAL C 190 -16.51 -5.83 -4.46
CA VAL C 190 -16.20 -7.07 -3.74
C VAL C 190 -14.92 -6.86 -2.94
N GLU C 191 -15.00 -7.11 -1.62
CA GLU C 191 -13.82 -7.14 -0.75
C GLU C 191 -13.35 -8.58 -0.63
N LEU C 192 -12.23 -8.92 -1.26
CA LEU C 192 -11.79 -10.31 -1.35
C LEU C 192 -10.52 -10.53 -0.55
N ASN C 193 -10.52 -11.62 0.24
CA ASN C 193 -9.34 -12.05 0.97
C ASN C 193 -9.22 -13.57 0.87
N PHE C 194 -8.25 -14.05 0.11
CA PHE C 194 -8.05 -15.47 -0.17
C PHE C 194 -6.94 -16.12 0.65
N ALA C 195 -6.23 -15.34 1.48
CA ALA C 195 -5.06 -15.86 2.18
C ALA C 195 -5.40 -17.07 3.06
N ARG C 196 -6.60 -17.08 3.68
CA ARG C 196 -7.07 -18.23 4.45
C ARG C 196 -6.80 -19.53 3.69
N PHE C 197 -7.17 -19.54 2.41
CA PHE C 197 -7.10 -20.74 1.59
C PHE C 197 -5.65 -21.11 1.30
N PHE C 198 -4.81 -20.14 0.91
CA PHE C 198 -3.39 -20.42 0.72
C PHE C 198 -2.78 -20.96 2.00
N GLU C 199 -3.09 -20.32 3.13
CA GLU C 199 -2.65 -20.79 4.43
C GLU C 199 -2.90 -22.29 4.59
N LEU C 200 -4.16 -22.72 4.44
CA LEU C 200 -4.53 -24.11 4.70
C LEU C 200 -3.88 -25.06 3.73
N ARG C 201 -3.82 -24.72 2.44
CA ARG C 201 -3.19 -25.62 1.47
C ARG C 201 -1.69 -25.70 1.70
N LYS C 202 -1.07 -24.57 2.05
CA LYS C 202 0.35 -24.57 2.37
C LYS C 202 0.65 -25.54 3.50
N MET C 203 -0.14 -25.47 4.58
CA MET C 203 0.03 -26.40 5.69
C MET C 203 -0.05 -27.83 5.21
N LEU C 204 -1.04 -28.13 4.35
CA LEU C 204 -1.20 -29.46 3.82
C LEU C 204 0.00 -29.85 2.96
N LEU C 205 0.47 -28.94 2.12
CA LEU C 205 1.58 -29.23 1.25
C LEU C 205 2.85 -29.50 2.05
N ASP C 206 3.08 -28.71 3.12
CA ASP C 206 4.25 -28.98 3.97
C ASP C 206 4.12 -30.34 4.65
N LYS C 207 2.96 -30.65 5.25
CA LYS C 207 2.79 -31.95 5.89
C LYS C 207 3.09 -33.09 4.93
N PHE C 208 3.02 -32.84 3.62
CA PHE C 208 3.27 -33.84 2.59
C PHE C 208 4.34 -33.37 1.62
N ALA C 209 5.21 -32.46 2.07
CA ALA C 209 6.24 -31.94 1.18
C ALA C 209 7.19 -33.03 0.71
N ASP C 210 7.48 -34.01 1.58
CA ASP C 210 8.35 -35.12 1.22
C ASP C 210 7.55 -36.42 1.04
N ASP C 211 6.30 -36.31 0.58
CA ASP C 211 5.61 -37.41 -0.06
C ASP C 211 5.61 -37.17 -1.56
N GLU C 212 5.46 -38.25 -2.34
CA GLU C 212 5.40 -38.17 -3.80
C GLU C 212 4.18 -38.85 -4.41
N GLU C 213 3.61 -39.88 -3.76
CA GLU C 213 2.27 -40.33 -4.17
C GLU C 213 1.32 -39.15 -4.26
N PHE C 214 1.34 -38.25 -3.27
CA PHE C 214 0.45 -37.09 -3.21
C PHE C 214 0.95 -35.97 -4.10
N LEU C 215 2.25 -35.68 -4.03
CA LEU C 215 2.85 -34.59 -4.81
C LEU C 215 3.23 -35.05 -6.21
N ASP D 39 13.10 -24.07 -7.38
CA ASP D 39 12.73 -22.67 -7.29
C ASP D 39 12.20 -22.30 -5.89
N PRO D 40 13.01 -22.54 -4.85
CA PRO D 40 12.52 -22.34 -3.48
C PRO D 40 12.30 -20.87 -3.11
N MET D 41 13.16 -19.96 -3.58
CA MET D 41 13.01 -18.55 -3.23
C MET D 41 11.77 -17.92 -3.88
N TYR D 42 11.39 -18.38 -5.08
CA TYR D 42 10.18 -17.86 -5.72
C TYR D 42 8.92 -18.22 -4.93
N GLU D 43 8.79 -19.49 -4.56
CA GLU D 43 7.61 -19.91 -3.82
C GLU D 43 7.48 -19.14 -2.52
N GLN D 44 8.61 -18.87 -1.86
CA GLN D 44 8.57 -18.07 -0.64
C GLN D 44 8.05 -16.68 -0.90
N PHE D 45 8.55 -16.01 -1.96
CA PHE D 45 8.00 -14.71 -2.33
C PHE D 45 6.52 -14.82 -2.68
N LEU D 46 6.14 -15.86 -3.43
CA LEU D 46 4.74 -16.03 -3.78
C LEU D 46 3.85 -16.11 -2.54
N GLN D 47 4.26 -16.92 -1.54
CA GLN D 47 3.43 -17.02 -0.33
C GLN D 47 3.32 -15.69 0.39
N ARG D 48 4.42 -14.96 0.51
CA ARG D 48 4.37 -13.68 1.18
C ARG D 48 3.39 -12.74 0.49
N ILE D 49 3.35 -12.79 -0.84
CA ILE D 49 2.43 -11.90 -1.54
C ILE D 49 0.99 -12.36 -1.34
N GLN D 50 0.73 -13.66 -1.46
CA GLN D 50 -0.60 -14.19 -1.15
C GLN D 50 -1.09 -13.75 0.24
N ALA D 51 -0.20 -13.62 1.20
CA ALA D 51 -0.66 -13.32 2.55
C ALA D 51 -0.73 -11.83 2.84
N VAL D 52 0.01 -10.99 2.13
CA VAL D 52 0.17 -9.62 2.59
C VAL D 52 -1.17 -8.90 2.58
N ARG D 53 -1.42 -8.12 3.63
CA ARG D 53 -2.61 -7.30 3.72
C ARG D 53 -2.31 -5.83 3.97
N THR D 54 -1.13 -5.48 4.50
CA THR D 54 -0.81 -4.12 4.92
C THR D 54 0.21 -3.47 3.99
N ALA D 55 0.17 -2.13 3.93
CA ALA D 55 1.11 -1.38 3.10
C ALA D 55 2.56 -1.56 3.55
N THR D 56 2.80 -1.54 4.88
CA THR D 56 4.17 -1.66 5.36
C THR D 56 4.76 -3.02 4.98
N VAL D 57 3.99 -4.10 5.10
CA VAL D 57 4.59 -5.40 4.83
C VAL D 57 4.82 -5.60 3.33
N ALA D 58 3.92 -5.02 2.51
CA ALA D 58 4.09 -5.04 1.06
C ALA D 58 5.31 -4.25 0.60
N LYS D 59 5.59 -3.11 1.23
CA LYS D 59 6.78 -2.35 0.84
C LYS D 59 8.05 -3.17 1.08
N ASP D 60 8.11 -3.93 2.17
CA ASP D 60 9.28 -4.76 2.44
C ASP D 60 9.46 -5.84 1.37
N ILE D 61 8.37 -6.54 1.03
CA ILE D 61 8.43 -7.58 0.00
C ILE D 61 9.00 -7.05 -1.30
N SER D 62 8.50 -5.89 -1.74
CA SER D 62 9.01 -5.26 -2.95
C SER D 62 10.51 -4.98 -2.85
N ALA D 63 10.96 -4.45 -1.71
CA ALA D 63 12.38 -4.22 -1.51
C ALA D 63 13.14 -5.53 -1.56
N ASP D 64 12.58 -6.58 -0.94
CA ASP D 64 13.23 -7.89 -0.92
C ASP D 64 13.38 -8.47 -2.32
N ILE D 65 12.36 -8.32 -3.17
CA ILE D 65 12.45 -8.89 -4.51
C ILE D 65 13.58 -8.24 -5.29
N LEU D 66 13.69 -6.91 -5.20
CA LEU D 66 14.79 -6.22 -5.87
C LEU D 66 16.14 -6.67 -5.33
N GLU D 67 16.26 -6.86 -4.01
CA GLU D 67 17.51 -7.38 -3.48
C GLU D 67 17.77 -8.80 -3.94
N ALA D 68 16.70 -9.60 -4.04
CA ALA D 68 16.90 -10.99 -4.45
C ALA D 68 17.27 -11.08 -5.93
N ARG D 69 16.71 -10.23 -6.80
CA ARG D 69 17.13 -10.31 -8.19
C ARG D 69 18.59 -9.88 -8.32
N HIS D 70 19.02 -8.90 -7.51
CA HIS D 70 20.43 -8.58 -7.48
C HIS D 70 21.26 -9.77 -7.02
N ASP D 71 20.85 -10.46 -5.93
CA ASP D 71 21.70 -11.53 -5.44
C ASP D 71 21.72 -12.69 -6.40
N TYR D 72 20.59 -12.92 -7.09
CA TYR D 72 20.53 -13.93 -8.13
C TYR D 72 21.56 -13.63 -9.23
N PHE D 73 21.62 -12.37 -9.67
CA PHE D 73 22.63 -12.01 -10.68
C PHE D 73 24.03 -12.25 -10.16
N GLY D 74 24.30 -11.82 -8.93
CA GLY D 74 25.59 -12.11 -8.32
C GLY D 74 25.91 -13.58 -8.28
N ARG D 75 24.93 -14.41 -7.91
CA ARG D 75 25.18 -15.85 -7.87
C ARG D 75 25.55 -16.37 -9.25
N GLU D 76 24.74 -16.02 -10.25
CA GLU D 76 24.93 -16.55 -11.59
C GLU D 76 26.22 -16.03 -12.21
N LEU D 77 26.55 -14.76 -11.94
CA LEU D 77 27.77 -14.20 -12.50
C LEU D 77 29.01 -14.93 -11.99
N CYS D 78 29.07 -15.19 -10.67
CA CYS D 78 30.23 -15.88 -10.12
C CYS D 78 30.32 -17.33 -10.60
N ARG D 79 29.17 -17.96 -10.87
CA ARG D 79 29.21 -19.30 -11.44
C ARG D 79 29.77 -19.26 -12.87
N ALA D 80 29.28 -18.33 -13.69
CA ALA D 80 29.74 -18.25 -15.07
C ALA D 80 31.21 -17.87 -15.15
N LEU D 81 31.67 -17.05 -14.21
CA LEU D 81 33.04 -16.59 -14.18
C LEU D 81 33.97 -17.52 -13.43
N ASP D 82 33.42 -18.44 -12.64
CA ASP D 82 34.20 -19.45 -11.92
C ASP D 82 35.05 -18.81 -10.81
N ILE D 83 34.44 -17.89 -10.07
CA ILE D 83 35.05 -17.31 -8.88
C ILE D 83 34.16 -17.67 -7.70
N GLU D 84 34.71 -17.56 -6.50
CA GLU D 84 33.93 -17.91 -5.32
C GLU D 84 32.86 -16.84 -5.08
N TYR D 85 31.66 -17.30 -4.77
CA TYR D 85 30.53 -16.40 -4.62
C TYR D 85 30.53 -15.80 -3.22
N ARG D 86 30.51 -14.47 -3.18
CA ARG D 86 30.36 -13.73 -1.93
C ARG D 86 29.37 -12.61 -2.18
N ASN D 87 28.78 -12.10 -1.10
CA ASN D 87 27.80 -11.02 -1.22
C ASN D 87 27.92 -10.19 0.06
N ASN D 88 28.68 -9.09 -0.03
CA ASN D 88 28.93 -8.16 1.08
C ASN D 88 30.02 -8.69 2.01
N VAL D 89 31.23 -8.14 1.84
CA VAL D 89 32.43 -8.52 2.57
C VAL D 89 33.04 -7.24 3.12
N LEU D 90 33.24 -7.19 4.43
CA LEU D 90 33.94 -6.04 5.01
C LEU D 90 35.33 -5.90 4.39
N LEU D 91 35.66 -4.67 4.00
CA LEU D 91 37.01 -4.38 3.51
C LEU D 91 38.09 -4.88 4.48
N ASP D 92 37.82 -4.83 5.78
CA ASP D 92 38.76 -5.32 6.79
C ASP D 92 39.14 -6.77 6.52
N GLU D 93 38.17 -7.58 6.10
CA GLU D 93 38.38 -9.01 5.90
C GLU D 93 39.02 -9.30 4.55
N ILE D 94 38.75 -8.45 3.55
CA ILE D 94 39.44 -8.55 2.27
C ILE D 94 40.93 -8.27 2.46
N ILE D 95 41.27 -7.22 3.21
CA ILE D 95 42.68 -6.92 3.48
C ILE D 95 43.37 -8.10 4.16
N LEU D 96 42.75 -8.66 5.20
CA LEU D 96 43.37 -9.77 5.92
C LEU D 96 43.51 -11.00 5.04
N ASP D 97 42.48 -11.30 4.25
CA ASP D 97 42.55 -12.45 3.36
C ASP D 97 43.69 -12.29 2.36
N VAL D 98 43.84 -11.09 1.81
CA VAL D 98 44.83 -10.89 0.76
C VAL D 98 46.21 -10.67 1.34
N TYR D 99 46.31 -10.25 2.59
CA TYR D 99 47.56 -9.75 3.15
C TYR D 99 47.53 -10.00 4.66
N PRO D 100 47.57 -11.27 5.07
CA PRO D 100 47.45 -11.58 6.51
C PRO D 100 48.48 -10.89 7.39
N GLY D 101 49.58 -10.41 6.82
CA GLY D 101 50.65 -9.82 7.59
C GLY D 101 50.63 -8.32 7.71
N VAL D 102 49.60 -7.66 7.17
CA VAL D 102 49.44 -6.22 7.40
C VAL D 102 49.55 -5.94 8.87
N ASN D 103 50.25 -4.85 9.21
CA ASN D 103 50.07 -4.25 10.53
C ASN D 103 48.77 -3.47 10.47
N LEU D 104 47.66 -4.21 10.57
CA LEU D 104 46.35 -3.64 10.26
C LEU D 104 46.00 -2.47 11.17
N MET D 105 46.42 -2.53 12.44
CA MET D 105 46.08 -1.46 13.39
C MET D 105 46.60 -0.10 12.96
N GLU D 106 47.61 -0.08 12.09
CA GLU D 106 48.23 1.15 11.62
C GLU D 106 47.34 1.95 10.68
N TYR D 107 46.24 1.36 10.19
CA TYR D 107 45.44 1.99 9.15
C TYR D 107 44.01 2.20 9.63
N ASN D 108 43.40 3.26 9.11
CA ASN D 108 41.97 3.52 9.26
C ASN D 108 41.26 2.89 8.06
N VAL D 109 40.64 1.73 8.28
CA VAL D 109 39.93 1.03 7.23
C VAL D 109 38.49 1.51 7.21
N PRO D 110 38.02 2.12 6.12
CA PRO D 110 36.61 2.55 6.06
C PRO D 110 35.64 1.38 6.12
N HIS D 111 34.46 1.68 6.62
CA HIS D 111 33.42 0.70 6.91
C HIS D 111 32.59 0.59 5.63
N VAL D 112 32.94 -0.39 4.78
CA VAL D 112 32.32 -0.63 3.49
C VAL D 112 32.22 -2.14 3.30
N THR D 113 31.19 -2.56 2.55
CA THR D 113 30.96 -3.97 2.25
C THR D 113 30.67 -4.12 0.77
N PRO D 114 31.68 -4.01 -0.09
CA PRO D 114 31.49 -4.42 -1.49
C PRO D 114 31.03 -5.87 -1.54
N ASP D 115 30.40 -6.24 -2.67
CA ASP D 115 29.79 -7.56 -2.79
C ASP D 115 30.84 -8.67 -2.75
N ASN D 116 31.97 -8.47 -3.39
CA ASN D 116 32.88 -9.57 -3.65
C ASN D 116 34.21 -8.99 -4.07
N TYR D 117 35.18 -9.86 -4.29
CA TYR D 117 36.49 -9.43 -4.76
C TYR D 117 37.15 -10.58 -5.46
N ILE D 118 38.19 -10.27 -6.22
CA ILE D 118 39.08 -11.25 -6.84
C ILE D 118 40.51 -10.87 -6.50
N TRP D 119 41.32 -11.85 -6.09
CA TRP D 119 42.74 -11.66 -5.86
C TRP D 119 43.52 -12.51 -6.86
N THR D 120 44.25 -11.84 -7.76
CA THR D 120 45.04 -12.54 -8.76
C THR D 120 46.49 -12.75 -8.35
N GLY D 121 46.80 -12.71 -7.05
CA GLY D 121 48.18 -12.76 -6.58
C GLY D 121 49.01 -11.55 -6.92
N ASP D 122 48.52 -10.69 -7.81
CA ASP D 122 49.10 -9.40 -8.10
C ASP D 122 48.19 -8.26 -7.71
N MET D 123 46.93 -8.29 -8.12
CA MET D 123 46.03 -7.16 -7.99
C MET D 123 44.73 -7.56 -7.31
N LEU D 124 44.13 -6.61 -6.61
CA LEU D 124 42.87 -6.81 -5.91
C LEU D 124 41.77 -6.10 -6.69
N LEU D 125 40.82 -6.86 -7.21
CA LEU D 125 39.66 -6.35 -7.92
C LEU D 125 38.48 -6.34 -6.96
N ILE D 126 37.95 -5.16 -6.67
CA ILE D 126 36.73 -5.04 -5.89
C ILE D 126 35.56 -5.16 -6.85
N LEU D 127 34.60 -6.04 -6.51
CA LEU D 127 33.45 -6.31 -7.36
C LEU D 127 32.17 -5.88 -6.67
N ASP D 128 31.36 -5.10 -7.36
CA ASP D 128 29.99 -4.97 -6.94
C ASP D 128 29.05 -5.30 -8.07
N TYR D 129 28.00 -6.06 -7.76
CA TYR D 129 26.98 -6.41 -8.73
C TYR D 129 25.90 -5.32 -8.77
N LYS D 130 25.29 -5.16 -9.93
CA LYS D 130 24.20 -4.22 -10.13
C LYS D 130 23.19 -4.87 -11.05
N VAL D 131 21.91 -4.60 -10.81
CA VAL D 131 20.84 -5.03 -11.72
C VAL D 131 19.99 -3.80 -12.05
N SER D 132 20.15 -3.25 -13.26
CA SER D 132 19.49 -1.99 -13.56
C SER D 132 19.35 -1.83 -15.08
N VAL D 133 18.34 -1.06 -15.51
CA VAL D 133 18.28 -0.69 -16.93
C VAL D 133 19.17 0.52 -17.20
N GLY D 134 19.39 1.38 -16.20
CA GLY D 134 20.26 2.52 -16.32
C GLY D 134 21.57 2.30 -15.61
N HIS D 135 22.46 3.29 -15.71
CA HIS D 135 23.81 3.21 -15.16
C HIS D 135 24.04 4.19 -14.03
N ASP D 136 23.00 4.93 -13.62
CA ASP D 136 23.16 5.94 -12.57
C ASP D 136 23.62 5.30 -11.27
N SER D 137 22.94 4.23 -10.83
CA SER D 137 23.34 3.57 -9.59
C SER D 137 24.75 3.02 -9.69
N THR D 138 25.13 2.52 -10.87
CA THR D 138 26.51 2.06 -11.11
C THR D 138 27.50 3.18 -10.80
N GLU D 139 27.22 4.38 -11.30
CA GLU D 139 28.16 5.47 -11.12
C GLU D 139 28.21 5.95 -9.67
N VAL D 140 27.10 5.86 -8.95
CA VAL D 140 27.10 6.25 -7.54
C VAL D 140 27.96 5.29 -6.72
N THR D 141 27.88 3.99 -7.01
CA THR D 141 28.68 3.01 -6.27
C THR D 141 30.15 3.09 -6.68
N TYR D 142 30.40 3.28 -7.99
CA TYR D 142 31.77 3.45 -8.48
C TYR D 142 32.49 4.57 -7.76
N LYS D 143 31.88 5.76 -7.70
CA LYS D 143 32.52 6.90 -7.07
C LYS D 143 32.73 6.66 -5.58
N LYS D 144 31.73 6.09 -4.90
CA LYS D 144 31.85 5.82 -3.48
C LYS D 144 32.99 4.85 -3.18
N TYR D 145 33.12 3.77 -3.96
CA TYR D 145 34.19 2.82 -3.70
C TYR D 145 35.55 3.38 -4.10
N THR D 146 35.62 4.16 -5.19
CA THR D 146 36.84 4.87 -5.54
C THR D 146 37.30 5.76 -4.39
N THR D 147 36.36 6.52 -3.81
CA THR D 147 36.67 7.45 -2.72
C THR D 147 37.03 6.71 -1.43
N LEU D 148 36.30 5.67 -1.10
CA LEU D 148 36.45 5.09 0.23
C LEU D 148 37.45 3.96 0.30
N ILE D 149 37.70 3.24 -0.79
CA ILE D 149 38.54 2.04 -0.77
C ILE D 149 39.96 2.32 -1.25
N LEU D 150 40.11 3.08 -2.33
CA LEU D 150 41.42 3.26 -2.94
C LEU D 150 42.45 3.86 -2.00
N PRO D 151 42.18 4.97 -1.28
CA PRO D 151 43.27 5.55 -0.48
C PRO D 151 43.87 4.55 0.49
N VAL D 152 43.03 3.87 1.28
CA VAL D 152 43.57 2.98 2.29
C VAL D 152 44.38 1.86 1.66
N MET D 153 43.91 1.31 0.54
CA MET D 153 44.65 0.23 -0.12
C MET D 153 45.98 0.73 -0.68
N GLN D 154 46.04 2.01 -1.03
CA GLN D 154 47.30 2.57 -1.53
C GLN D 154 48.31 2.70 -0.40
N GLU D 155 47.84 3.21 0.76
CA GLU D 155 48.69 3.32 1.93
C GLU D 155 49.24 1.96 2.36
N ILE D 156 48.43 0.91 2.27
CA ILE D 156 48.86 -0.43 2.65
C ILE D 156 49.77 -1.03 1.59
N GLY D 157 49.60 -0.61 0.33
CA GLY D 157 50.43 -1.09 -0.75
C GLY D 157 49.82 -2.17 -1.59
N ILE D 158 48.51 -2.34 -1.57
CA ILE D 158 47.82 -3.32 -2.39
C ILE D 158 47.23 -2.59 -3.59
N ASN D 159 47.70 -2.91 -4.78
CA ASN D 159 47.16 -2.29 -6.00
C ASN D 159 45.71 -2.74 -6.16
N THR D 160 44.79 -1.79 -6.21
CA THR D 160 43.37 -2.08 -6.22
C THR D 160 42.67 -1.42 -7.39
N GLU D 161 41.66 -2.11 -7.92
CA GLU D 161 40.81 -1.56 -8.95
C GLU D 161 39.35 -1.80 -8.58
N ILE D 162 38.53 -0.77 -8.76
CA ILE D 162 37.09 -0.90 -8.54
C ILE D 162 36.45 -1.45 -9.79
N CYS D 163 35.70 -2.56 -9.64
CA CYS D 163 35.01 -3.19 -10.76
C CYS D 163 33.53 -3.30 -10.45
N ILE D 164 32.70 -2.88 -11.40
CA ILE D 164 31.26 -3.01 -11.24
C ILE D 164 30.69 -3.66 -12.47
N ILE D 165 29.86 -4.68 -12.25
CA ILE D 165 29.21 -5.43 -13.31
C ILE D 165 27.71 -5.25 -13.16
N ARG D 166 27.04 -4.89 -14.24
CA ARG D 166 25.63 -4.56 -14.21
C ARG D 166 24.92 -5.41 -15.26
N ALA D 167 23.84 -6.06 -14.84
CA ALA D 167 22.95 -6.71 -15.78
C ALA D 167 21.72 -5.84 -15.95
N ASN D 168 21.38 -5.54 -17.21
CA ASN D 168 20.05 -5.01 -17.53
C ASN D 168 19.06 -6.14 -17.33
N PRO D 169 18.11 -6.02 -16.41
CA PRO D 169 17.22 -7.18 -16.13
C PRO D 169 16.22 -7.46 -17.24
N VAL D 170 15.96 -6.53 -18.15
CA VAL D 170 15.05 -6.78 -19.26
C VAL D 170 15.76 -7.45 -20.42
N THR D 171 16.95 -6.94 -20.80
CA THR D 171 17.67 -7.38 -21.97
C THR D 171 18.72 -8.44 -21.66
N ASN D 172 19.07 -8.61 -20.39
CA ASN D 172 20.15 -9.47 -19.92
C ASN D 172 21.52 -8.99 -20.36
N GLN D 173 21.63 -7.80 -20.95
CA GLN D 173 22.94 -7.30 -21.38
C GLN D 173 23.82 -6.97 -20.17
N ILE D 174 25.12 -7.27 -20.30
CA ILE D 174 26.11 -7.08 -19.24
C ILE D 174 27.03 -5.94 -19.63
N SER D 175 27.14 -4.95 -18.74
CA SER D 175 28.09 -3.86 -18.83
C SER D 175 29.12 -3.99 -17.72
N ILE D 176 30.37 -3.63 -18.01
CA ILE D 176 31.45 -3.77 -17.04
C ILE D 176 32.18 -2.45 -16.92
N VAL D 177 32.47 -2.07 -15.68
CA VAL D 177 33.45 -1.05 -15.39
C VAL D 177 34.63 -1.73 -14.70
N GLY D 178 35.84 -1.46 -15.20
CA GLY D 178 37.06 -1.99 -14.62
C GLY D 178 37.94 -2.62 -15.67
N GLU D 179 39.04 -1.95 -16.04
CA GLU D 179 39.82 -2.38 -17.20
C GLU D 179 40.50 -3.70 -16.96
N GLN D 180 40.99 -3.94 -15.75
CA GLN D 180 41.65 -5.20 -15.46
C GLN D 180 40.67 -6.37 -15.50
N PHE D 181 39.46 -6.15 -14.98
CA PHE D 181 38.45 -7.21 -14.99
C PHE D 181 38.11 -7.61 -16.42
N LYS D 182 38.03 -6.63 -17.33
CA LYS D 182 37.72 -6.94 -18.72
C LYS D 182 38.82 -7.75 -19.39
N ARG D 183 40.07 -7.52 -19.00
CA ARG D 183 41.17 -8.34 -19.48
C ARG D 183 40.97 -9.79 -19.09
N LEU D 184 40.74 -10.04 -17.81
CA LEU D 184 40.61 -11.41 -17.31
C LEU D 184 39.41 -12.13 -17.89
N PHE D 185 38.32 -11.42 -18.18
CA PHE D 185 37.07 -12.03 -18.64
C PHE D 185 36.53 -11.30 -19.87
N PRO D 186 37.15 -11.52 -21.03
CA PRO D 186 36.63 -10.86 -22.25
C PRO D 186 35.27 -11.36 -22.65
N THR D 187 34.90 -12.58 -22.24
CA THR D 187 33.58 -13.15 -22.47
C THR D 187 33.00 -13.60 -21.13
N ILE D 188 31.70 -13.33 -20.95
CA ILE D 188 30.98 -13.68 -19.74
C ILE D 188 29.83 -14.61 -20.13
N PRO D 189 29.90 -15.90 -19.76
CA PRO D 189 28.90 -16.88 -20.19
C PRO D 189 27.70 -17.02 -19.26
N VAL D 190 27.13 -15.92 -18.81
CA VAL D 190 26.01 -16.01 -17.86
C VAL D 190 24.72 -16.28 -18.61
N GLU D 191 23.86 -17.12 -18.02
CA GLU D 191 22.53 -17.40 -18.56
C GLU D 191 21.51 -16.83 -17.58
N LEU D 192 20.86 -15.74 -17.96
CA LEU D 192 20.05 -14.98 -17.00
C LEU D 192 18.59 -14.98 -17.42
N ASN D 193 17.72 -15.17 -16.43
CA ASN D 193 16.29 -14.94 -16.63
C ASN D 193 15.70 -14.31 -15.38
N PHE D 194 15.42 -13.01 -15.48
CA PHE D 194 14.84 -12.21 -14.40
C PHE D 194 13.31 -12.19 -14.43
N ALA D 195 12.68 -12.98 -15.32
CA ALA D 195 11.23 -12.86 -15.54
C ALA D 195 10.43 -13.18 -14.28
N ARG D 196 10.79 -14.23 -13.55
CA ARG D 196 10.05 -14.52 -12.32
C ARG D 196 10.05 -13.31 -11.36
N PHE D 197 11.13 -12.52 -11.34
CA PHE D 197 11.19 -11.35 -10.47
C PHE D 197 10.23 -10.25 -10.89
N PHE D 198 10.14 -9.96 -12.19
CA PHE D 198 9.10 -9.05 -12.67
C PHE D 198 7.70 -9.59 -12.36
N GLU D 199 7.51 -10.90 -12.50
CA GLU D 199 6.20 -11.48 -12.23
C GLU D 199 5.78 -11.28 -10.78
N LEU D 200 6.70 -11.55 -9.84
CA LEU D 200 6.36 -11.47 -8.42
C LEU D 200 6.08 -10.03 -8.02
N ARG D 201 6.92 -9.10 -8.49
CA ARG D 201 6.72 -7.70 -8.16
C ARG D 201 5.43 -7.17 -8.76
N LYS D 202 5.15 -7.56 -10.00
CA LYS D 202 3.94 -7.12 -10.66
C LYS D 202 2.69 -7.59 -9.91
N MET D 203 2.66 -8.85 -9.50
CA MET D 203 1.51 -9.33 -8.72
C MET D 203 1.31 -8.47 -7.50
N LEU D 204 2.41 -8.13 -6.81
CA LEU D 204 2.35 -7.32 -5.60
C LEU D 204 1.80 -5.92 -5.88
N LEU D 205 2.26 -5.30 -6.97
CA LEU D 205 1.78 -3.96 -7.26
C LEU D 205 0.31 -3.96 -7.67
N ASP D 206 -0.10 -4.92 -8.52
CA ASP D 206 -1.51 -5.05 -8.89
C ASP D 206 -2.39 -5.26 -7.67
N LYS D 207 -1.90 -6.02 -6.68
CA LYS D 207 -2.70 -6.25 -5.48
C LYS D 207 -2.94 -4.95 -4.74
N PHE D 208 -1.95 -4.04 -4.76
CA PHE D 208 -2.03 -2.78 -4.04
C PHE D 208 -2.23 -1.59 -4.98
N ALA D 209 -2.94 -1.81 -6.10
CA ALA D 209 -2.99 -0.79 -7.14
C ALA D 209 -3.61 0.51 -6.62
N ASP D 210 -4.58 0.41 -5.72
CA ASP D 210 -5.36 1.54 -5.24
C ASP D 210 -5.00 1.95 -3.81
N ASP D 211 -3.71 1.81 -3.42
CA ASP D 211 -3.26 2.10 -2.06
C ASP D 211 -2.24 3.24 -2.11
N GLU D 212 -2.72 4.47 -1.86
CA GLU D 212 -1.85 5.64 -1.91
C GLU D 212 -0.75 5.54 -0.87
N GLU D 213 -1.08 5.10 0.36
CA GLU D 213 -0.06 4.99 1.38
C GLU D 213 1.06 4.05 0.93
N PHE D 214 0.70 2.93 0.27
CA PHE D 214 1.72 2.05 -0.27
C PHE D 214 2.40 2.70 -1.46
N LEU D 215 1.62 3.12 -2.46
CA LEU D 215 2.22 3.83 -3.59
C LEU D 215 3.23 4.86 -3.13
N MET D 216 2.88 5.62 -2.07
CA MET D 216 3.77 6.68 -1.60
C MET D 216 5.16 6.14 -1.33
N MET D 217 5.25 4.98 -0.68
CA MET D 217 6.57 4.49 -0.30
C MET D 217 7.21 3.54 -1.33
N ILE D 218 6.49 3.14 -2.39
CA ILE D 218 7.07 2.31 -3.46
C ILE D 218 8.18 3.11 -4.15
#